data_2CET
#
_entry.id   2CET
#
_cell.length_a   94.365
_cell.length_b   94.520
_cell.length_c   113.582
_cell.angle_alpha   90.00
_cell.angle_beta   90.00
_cell.angle_gamma   90.00
#
_symmetry.space_group_name_H-M   'P 21 21 21'
#
loop_
_entity.id
_entity.type
_entity.pdbx_description
1 polymer 'BETA-GLUCOSIDASE A'
2 non-polymer 'ACETATE ION'
3 non-polymer (5R,6R,7S,8S)-5-(HYDROXYMETHYL)-2-(2-PHENYLETHYL)-1,5,6,7,8,8A-HEXAHYDROIMIDAZO[1,2-A]PYRIDINE-6,7,8-TRIOL
4 non-polymer 'CALCIUM ION'
5 water water
#
_entity_poly.entity_id   1
_entity_poly.type   'polypeptide(L)'
_entity_poly.pdbx_seq_one_letter_code
;MGSSHHHHHHSSGLVPRGSHMASNVKKFPEGFLWGVATASYQIEGSPLADGAGMSIWHTFSHTPGNVKNGDTGDVACDHY
NRWKEDIEIIEKLGVKAYRFSISWPRILPEGTGRVNQKGLDFYNRIIDTLLEKGITPFVTIYHWDLPFALQLKGGWANRE
IADWFAEYSRVLFENFGDRVKNWITLNEPWVVAIVGHLYGVHAPGMRDIYVAFRAVHNLLRAHARAVKVFRETVKDGKIG
IVFNNGYFEPASEKEEDIRAVRFMHQFNNYPLFLNPIYRGDYPELVLEFAREYLPENYKDDMSEIQEKIDFVGLNYYSGH
LVKFDPDAPAKVSFVERDLPKTAMGWEIVPEGIYWILKKVKEEYNPPEVYITENGAAFDDVVSEDGRVHDQNRIDYLKAH
IGQAWKAIQEGVPLKGYFVWSLLDNFEWAEGYSKRFGIVYVDYSTQKRIVKDSGYWYSNVVKNNGLED
;
_entity_poly.pdbx_strand_id   A,B
#
# COMPACT_ATOMS: atom_id res chain seq x y z
N VAL A 25 4.29 -18.86 -35.70
CA VAL A 25 2.90 -19.44 -35.72
C VAL A 25 2.79 -20.67 -34.80
N LYS A 26 1.80 -20.64 -33.91
CA LYS A 26 1.54 -21.73 -32.96
C LYS A 26 0.08 -22.13 -33.02
N LYS A 27 -0.22 -23.16 -33.81
CA LYS A 27 -1.58 -23.66 -33.94
C LYS A 27 -1.89 -24.73 -32.91
N PHE A 28 -3.09 -24.66 -32.36
CA PHE A 28 -3.57 -25.59 -31.32
C PHE A 28 -4.31 -26.79 -31.97
N PRO A 29 -4.52 -27.87 -31.20
CA PRO A 29 -5.19 -29.04 -31.77
C PRO A 29 -6.57 -28.73 -32.33
N GLU A 30 -7.00 -29.53 -33.29
CA GLU A 30 -8.34 -29.40 -33.85
C GLU A 30 -9.36 -29.48 -32.71
N GLY A 31 -10.34 -28.57 -32.70
CA GLY A 31 -11.39 -28.61 -31.66
C GLY A 31 -10.99 -28.16 -30.25
N PHE A 32 -9.80 -27.59 -30.11
CA PHE A 32 -9.36 -26.97 -28.86
C PHE A 32 -10.37 -25.92 -28.40
N LEU A 33 -10.71 -25.97 -27.11
CA LEU A 33 -11.78 -25.18 -26.57
C LEU A 33 -11.26 -23.86 -25.99
N TRP A 34 -11.40 -22.78 -26.78
CA TRP A 34 -11.06 -21.43 -26.31
C TRP A 34 -12.23 -20.84 -25.54
N GLY A 35 -11.96 -20.41 -24.31
CA GLY A 35 -13.05 -19.95 -23.46
C GLY A 35 -12.81 -18.65 -22.73
N VAL A 36 -13.86 -18.20 -22.08
CA VAL A 36 -13.75 -17.13 -21.08
C VAL A 36 -14.51 -17.60 -19.86
N ALA A 37 -14.13 -17.07 -18.70
CA ALA A 37 -14.71 -17.54 -17.44
C ALA A 37 -15.20 -16.39 -16.55
N THR A 38 -16.29 -16.66 -15.85
CA THR A 38 -16.84 -15.77 -14.82
C THR A 38 -17.29 -16.58 -13.61
N ALA A 39 -17.82 -15.88 -12.60
CA ALA A 39 -18.42 -16.54 -11.42
C ALA A 39 -19.65 -15.73 -11.00
N SER A 40 -20.70 -16.42 -10.54
CA SER A 40 -22.02 -15.83 -10.25
C SER A 40 -21.99 -14.56 -9.38
N TYR A 41 -21.35 -14.65 -8.20
CA TYR A 41 -21.37 -13.52 -7.27
C TYR A 41 -20.56 -12.33 -7.81
N GLN A 42 -19.56 -12.62 -8.63
CA GLN A 42 -18.70 -11.57 -9.15
C GLN A 42 -19.34 -10.76 -10.26
N ILE A 43 -20.31 -11.32 -10.98
CA ILE A 43 -20.86 -10.60 -12.14
C ILE A 43 -22.34 -10.30 -12.04
N GLU A 44 -23.08 -11.16 -11.34
CA GLU A 44 -24.54 -11.11 -11.42
C GLU A 44 -25.28 -9.89 -10.82
N GLY A 45 -24.94 -9.50 -9.58
CA GLY A 45 -25.75 -8.53 -8.83
C GLY A 45 -27.10 -9.15 -8.52
N SER A 46 -28.03 -8.37 -7.96
CA SER A 46 -29.34 -8.89 -7.58
C SER A 46 -29.26 -10.19 -6.77
N PRO A 47 -28.45 -10.20 -5.68
CA PRO A 47 -28.22 -11.47 -4.93
C PRO A 47 -29.50 -12.00 -4.29
N LEU A 48 -30.47 -11.11 -4.04
CA LEU A 48 -31.71 -11.49 -3.36
C LEU A 48 -32.93 -11.46 -4.30
N ALA A 49 -32.70 -11.38 -5.62
CA ALA A 49 -33.83 -11.26 -6.54
C ALA A 49 -34.53 -12.59 -6.67
N ASP A 50 -35.85 -12.55 -6.90
CA ASP A 50 -36.62 -13.72 -7.27
C ASP A 50 -36.53 -14.88 -6.29
N GLY A 51 -36.62 -14.57 -5.00
CA GLY A 51 -36.62 -15.64 -3.98
C GLY A 51 -35.26 -16.29 -3.66
N ALA A 52 -34.16 -15.78 -4.21
CA ALA A 52 -32.82 -16.31 -3.83
C ALA A 52 -32.58 -16.18 -2.31
N GLY A 53 -31.94 -17.20 -1.69
CA GLY A 53 -31.44 -17.02 -0.31
C GLY A 53 -30.15 -16.20 -0.25
N MET A 54 -29.81 -15.67 0.92
CA MET A 54 -28.54 -15.01 1.12
C MET A 54 -27.40 -16.03 0.92
N SER A 55 -26.26 -15.59 0.40
CA SER A 55 -25.03 -16.39 0.38
C SER A 55 -24.12 -15.81 1.44
N ILE A 56 -23.11 -16.57 1.82
CA ILE A 56 -22.05 -16.08 2.71
C ILE A 56 -21.26 -14.89 2.17
N TRP A 57 -21.21 -14.73 0.83
CA TRP A 57 -20.55 -13.53 0.25
C TRP A 57 -21.39 -12.27 0.37
N HIS A 58 -22.70 -12.46 0.37
CA HIS A 58 -23.64 -11.35 0.65
C HIS A 58 -23.41 -10.87 2.08
N THR A 59 -23.41 -11.80 3.04
CA THR A 59 -23.30 -11.39 4.44
C THR A 59 -21.89 -10.96 4.72
N PHE A 60 -20.87 -11.64 4.16
CA PHE A 60 -19.47 -11.23 4.37
C PHE A 60 -19.18 -9.81 3.83
N SER A 61 -19.66 -9.51 2.63
CA SER A 61 -19.38 -8.18 2.03
C SER A 61 -20.20 -7.06 2.66
N HIS A 62 -21.33 -7.41 3.26
CA HIS A 62 -22.13 -6.43 3.98
C HIS A 62 -21.67 -6.25 5.42
N THR A 63 -20.57 -6.90 5.77
CA THR A 63 -19.96 -6.69 7.08
C THR A 63 -18.85 -5.68 6.91
N PRO A 64 -18.96 -4.53 7.59
CA PRO A 64 -17.97 -3.44 7.52
C PRO A 64 -16.55 -3.98 7.73
N GLY A 65 -15.63 -3.56 6.88
CA GLY A 65 -14.21 -3.90 7.05
C GLY A 65 -13.72 -5.11 6.27
N ASN A 66 -14.63 -5.89 5.71
CA ASN A 66 -14.22 -7.12 5.04
C ASN A 66 -13.77 -6.92 3.59
N VAL A 67 -14.38 -5.96 2.92
CA VAL A 67 -14.13 -5.75 1.49
C VAL A 67 -13.69 -4.30 1.23
N LYS A 68 -12.66 -4.14 0.40
CA LYS A 68 -12.16 -2.81 0.03
C LYS A 68 -13.29 -1.87 -0.37
N ASN A 69 -13.27 -0.65 0.17
CA ASN A 69 -14.27 0.39 -0.11
C ASN A 69 -15.69 0.01 0.31
N GLY A 70 -15.84 -1.04 1.12
CA GLY A 70 -17.19 -1.52 1.45
C GLY A 70 -17.97 -2.03 0.24
N ASP A 71 -17.25 -2.43 -0.80
CA ASP A 71 -17.88 -2.91 -2.03
C ASP A 71 -18.63 -4.21 -1.76
N THR A 72 -19.73 -4.43 -2.48
CA THR A 72 -20.45 -5.69 -2.38
C THR A 72 -20.87 -6.21 -3.76
N GLY A 73 -21.38 -7.43 -3.82
CA GLY A 73 -21.95 -7.93 -5.07
C GLY A 73 -23.43 -7.57 -5.30
N ASP A 74 -23.91 -6.51 -4.67
CA ASP A 74 -25.32 -6.14 -4.83
C ASP A 74 -25.69 -5.87 -6.28
N VAL A 75 -24.78 -5.20 -6.98
CA VAL A 75 -25.04 -4.81 -8.39
C VAL A 75 -24.03 -5.48 -9.31
N ALA A 76 -22.75 -5.36 -8.98
CA ALA A 76 -21.67 -5.99 -9.76
C ALA A 76 -21.78 -5.53 -11.23
N CYS A 77 -21.73 -6.48 -12.19
CA CYS A 77 -21.91 -6.18 -13.62
C CYS A 77 -23.38 -6.21 -14.08
N ASP A 78 -24.31 -6.33 -13.13
CA ASP A 78 -25.74 -6.48 -13.40
C ASP A 78 -26.03 -7.57 -14.47
N HIS A 79 -25.25 -8.63 -14.46
CA HIS A 79 -25.37 -9.68 -15.44
C HIS A 79 -26.71 -10.39 -15.25
N TYR A 80 -27.26 -10.28 -14.05
CA TYR A 80 -28.57 -10.87 -13.79
C TYR A 80 -29.65 -10.33 -14.73
N ASN A 81 -29.52 -9.06 -15.13
CA ASN A 81 -30.39 -8.46 -16.18
C ASN A 81 -29.76 -8.43 -17.57
N ARG A 82 -28.43 -8.30 -17.64
CA ARG A 82 -27.70 -8.05 -18.89
C ARG A 82 -27.07 -9.29 -19.53
N TRP A 83 -27.41 -10.46 -18.99
CA TRP A 83 -26.93 -11.76 -19.45
C TRP A 83 -26.97 -11.98 -20.97
N LYS A 84 -28.04 -11.55 -21.64
CA LYS A 84 -28.19 -11.78 -23.10
C LYS A 84 -27.17 -10.98 -23.91
N GLU A 85 -27.03 -9.69 -23.60
CA GLU A 85 -25.97 -8.83 -24.14
C GLU A 85 -24.57 -9.43 -23.92
N ASP A 86 -24.32 -9.90 -22.69
CA ASP A 86 -23.01 -10.48 -22.38
C ASP A 86 -22.69 -11.71 -23.21
N ILE A 87 -23.68 -12.57 -23.38
CA ILE A 87 -23.49 -13.75 -24.21
C ILE A 87 -23.28 -13.32 -25.68
N GLU A 88 -24.03 -12.31 -26.12
CA GLU A 88 -23.85 -11.73 -27.46
C GLU A 88 -22.41 -11.21 -27.65
N ILE A 89 -21.82 -10.63 -26.60
CA ILE A 89 -20.38 -10.31 -26.63
C ILE A 89 -19.51 -11.55 -26.85
N ILE A 90 -19.79 -12.63 -26.10
CA ILE A 90 -19.07 -13.91 -26.30
C ILE A 90 -19.19 -14.39 -27.74
N GLU A 91 -20.42 -14.40 -28.25
CA GLU A 91 -20.70 -14.83 -29.62
C GLU A 91 -19.91 -13.98 -30.62
N LYS A 92 -20.05 -12.66 -30.53
CA LYS A 92 -19.38 -11.73 -31.45
C LYS A 92 -17.85 -11.87 -31.42
N LEU A 93 -17.31 -12.24 -30.26
CA LEU A 93 -15.88 -12.47 -30.13
C LEU A 93 -15.47 -13.82 -30.73
N GLY A 94 -16.46 -14.67 -31.01
CA GLY A 94 -16.20 -16.01 -31.57
C GLY A 94 -15.63 -16.98 -30.56
N VAL A 95 -15.77 -16.65 -29.29
CA VAL A 95 -15.28 -17.52 -28.21
C VAL A 95 -16.17 -18.77 -28.18
N LYS A 96 -15.54 -19.94 -28.04
CA LYS A 96 -16.19 -21.22 -28.22
C LYS A 96 -16.74 -21.88 -26.94
N ALA A 97 -16.30 -21.39 -25.78
CA ALA A 97 -16.77 -21.98 -24.53
C ALA A 97 -16.96 -20.89 -23.49
N TYR A 98 -17.96 -21.07 -22.63
CA TYR A 98 -18.17 -20.16 -21.52
C TYR A 98 -18.22 -20.94 -20.21
N ARG A 99 -17.26 -20.62 -19.34
CA ARG A 99 -17.27 -21.13 -17.98
C ARG A 99 -17.96 -20.11 -17.10
N PHE A 100 -19.07 -20.52 -16.49
CA PHE A 100 -19.79 -19.67 -15.55
C PHE A 100 -20.21 -20.53 -14.35
N SER A 101 -20.55 -19.90 -13.23
CA SER A 101 -20.95 -20.68 -12.06
C SER A 101 -22.39 -20.43 -11.72
N ILE A 102 -22.95 -21.39 -10.98
CA ILE A 102 -24.32 -21.31 -10.51
C ILE A 102 -24.33 -20.90 -9.02
N SER A 103 -25.17 -19.90 -8.68
CA SER A 103 -25.39 -19.51 -7.29
C SER A 103 -26.26 -20.55 -6.58
N TRP A 104 -25.63 -21.38 -5.74
CA TRP A 104 -26.37 -22.34 -4.94
C TRP A 104 -27.63 -21.78 -4.25
N PRO A 105 -27.53 -20.64 -3.55
CA PRO A 105 -28.75 -20.11 -2.90
C PRO A 105 -29.80 -19.51 -3.86
N ARG A 106 -29.47 -19.32 -5.16
CA ARG A 106 -30.54 -19.02 -6.12
C ARG A 106 -31.38 -20.28 -6.38
N ILE A 107 -30.75 -21.44 -6.26
CA ILE A 107 -31.38 -22.69 -6.65
C ILE A 107 -32.06 -23.31 -5.46
N LEU A 108 -31.37 -23.32 -4.31
CA LEU A 108 -31.92 -23.85 -3.06
C LEU A 108 -31.69 -22.78 -2.02
N PRO A 109 -32.67 -21.89 -1.82
CA PRO A 109 -32.56 -20.71 -0.96
C PRO A 109 -32.13 -21.01 0.47
N GLU A 110 -32.57 -22.15 0.99
CA GLU A 110 -32.10 -22.64 2.28
C GLU A 110 -30.94 -23.64 2.19
N GLY A 111 -30.38 -23.85 1.01
CA GLY A 111 -29.22 -24.76 0.84
C GLY A 111 -29.64 -26.19 0.54
N THR A 112 -30.62 -26.70 1.29
CA THR A 112 -31.27 -27.99 0.97
C THR A 112 -32.78 -27.85 1.00
N GLY A 113 -33.50 -28.87 0.53
CA GLY A 113 -34.95 -28.82 0.52
C GLY A 113 -35.53 -28.07 -0.68
N ARG A 114 -36.09 -26.91 -0.42
CA ARG A 114 -36.89 -26.21 -1.41
CA ARG A 114 -36.89 -26.22 -1.43
C ARG A 114 -36.08 -25.78 -2.65
N VAL A 115 -36.61 -26.06 -3.84
CA VAL A 115 -35.98 -25.67 -5.08
C VAL A 115 -36.72 -24.45 -5.67
N ASN A 116 -35.96 -23.41 -5.99
CA ASN A 116 -36.50 -22.15 -6.51
C ASN A 116 -36.51 -22.20 -8.05
N GLN A 117 -37.70 -22.37 -8.63
CA GLN A 117 -37.86 -22.49 -10.09
C GLN A 117 -37.29 -21.27 -10.84
N LYS A 118 -37.42 -20.09 -10.26
CA LYS A 118 -36.92 -18.88 -10.89
C LYS A 118 -35.39 -18.83 -10.96
N GLY A 119 -34.72 -19.49 -10.02
CA GLY A 119 -33.25 -19.53 -10.11
C GLY A 119 -32.85 -20.48 -11.23
N LEU A 120 -33.55 -21.60 -11.32
CA LEU A 120 -33.34 -22.58 -12.38
C LEU A 120 -33.58 -21.92 -13.72
N ASP A 121 -34.66 -21.11 -13.81
CA ASP A 121 -35.01 -20.45 -15.06
C ASP A 121 -33.91 -19.49 -15.50
N PHE A 122 -33.38 -18.69 -14.57
CA PHE A 122 -32.25 -17.79 -14.88
C PHE A 122 -31.11 -18.50 -15.64
N TYR A 123 -30.67 -19.66 -15.15
CA TYR A 123 -29.57 -20.36 -15.77
C TYR A 123 -30.04 -21.17 -16.98
N ASN A 124 -31.29 -21.64 -16.96
CA ASN A 124 -31.83 -22.30 -18.16
C ASN A 124 -31.70 -21.39 -19.40
N ARG A 125 -32.18 -20.16 -19.27
CA ARG A 125 -32.08 -19.16 -20.35
C ARG A 125 -30.64 -18.91 -20.82
N ILE A 126 -29.70 -18.79 -19.89
CA ILE A 126 -28.28 -18.69 -20.24
C ILE A 126 -27.83 -19.90 -21.03
N ILE A 127 -28.10 -21.10 -20.49
CA ILE A 127 -27.74 -22.36 -21.15
C ILE A 127 -28.33 -22.50 -22.58
N ASP A 128 -29.62 -22.25 -22.73
CA ASP A 128 -30.27 -22.35 -24.07
C ASP A 128 -29.69 -21.36 -25.07
N THR A 129 -29.42 -20.14 -24.59
CA THR A 129 -28.84 -19.09 -25.42
C THR A 129 -27.43 -19.45 -25.92
N LEU A 130 -26.58 -19.94 -25.03
CA LEU A 130 -25.24 -20.43 -25.41
C LEU A 130 -25.30 -21.56 -26.46
N LEU A 131 -26.15 -22.54 -26.21
CA LEU A 131 -26.29 -23.66 -27.13
C LEU A 131 -26.74 -23.21 -28.52
N GLU A 132 -27.77 -22.39 -28.56
CA GLU A 132 -28.29 -21.82 -29.79
C GLU A 132 -27.17 -21.10 -30.55
N LYS A 133 -26.27 -20.46 -29.82
CA LYS A 133 -25.15 -19.78 -30.44
C LYS A 133 -23.93 -20.68 -30.64
N GLY A 134 -24.11 -21.97 -30.36
CA GLY A 134 -23.01 -22.94 -30.50
C GLY A 134 -21.82 -22.73 -29.59
N ILE A 135 -22.07 -22.11 -28.41
CA ILE A 135 -21.06 -21.91 -27.37
C ILE A 135 -21.23 -23.02 -26.32
N THR A 136 -20.14 -23.64 -25.92
CA THR A 136 -20.15 -24.78 -24.99
C THR A 136 -20.13 -24.34 -23.52
N PRO A 137 -21.21 -24.66 -22.77
CA PRO A 137 -21.23 -24.28 -21.36
C PRO A 137 -20.35 -25.20 -20.52
N PHE A 138 -19.43 -24.61 -19.77
CA PHE A 138 -18.74 -25.29 -18.68
C PHE A 138 -19.34 -24.71 -17.39
N VAL A 139 -20.02 -25.55 -16.62
CA VAL A 139 -20.68 -25.08 -15.40
C VAL A 139 -19.88 -25.42 -14.16
N THR A 140 -19.47 -24.37 -13.43
CA THR A 140 -18.86 -24.52 -12.09
C THR A 140 -20.00 -24.57 -11.09
N ILE A 141 -20.12 -25.70 -10.40
CA ILE A 141 -21.21 -25.89 -9.46
C ILE A 141 -21.03 -24.97 -8.22
N TYR A 142 -19.80 -24.89 -7.74
CA TYR A 142 -19.54 -24.06 -6.56
C TYR A 142 -18.36 -23.17 -6.77
N HIS A 143 -18.64 -21.88 -6.88
CA HIS A 143 -17.56 -20.89 -6.96
C HIS A 143 -17.77 -19.91 -5.80
N TRP A 144 -17.88 -20.47 -4.58
CA TRP A 144 -17.68 -19.74 -3.32
C TRP A 144 -18.88 -19.07 -2.63
N ASP A 145 -20.02 -19.00 -3.29
CA ASP A 145 -21.22 -18.38 -2.70
C ASP A 145 -22.14 -19.41 -2.05
N LEU A 146 -21.65 -20.00 -0.95
CA LEU A 146 -22.43 -20.93 -0.15
C LEU A 146 -23.71 -20.26 0.36
N PRO A 147 -24.83 -20.99 0.42
CA PRO A 147 -25.99 -20.40 1.07
C PRO A 147 -25.67 -20.06 2.49
N PHE A 148 -26.10 -18.89 2.91
CA PHE A 148 -25.94 -18.48 4.30
C PHE A 148 -26.58 -19.48 5.26
N ALA A 149 -27.74 -20.03 4.87
CA ALA A 149 -28.45 -20.95 5.72
C ALA A 149 -27.56 -22.18 6.09
N LEU A 150 -26.68 -22.60 5.20
CA LEU A 150 -25.84 -23.75 5.51
C LEU A 150 -24.63 -23.33 6.36
N GLN A 151 -24.21 -22.07 6.20
CA GLN A 151 -23.10 -21.53 7.03
C GLN A 151 -23.51 -21.48 8.49
N LEU A 152 -24.77 -21.14 8.76
CA LEU A 152 -25.33 -21.26 10.12
C LEU A 152 -25.17 -22.68 10.74
N LYS A 153 -25.13 -23.70 9.89
CA LYS A 153 -24.95 -25.09 10.31
CA LYS A 153 -24.96 -25.08 10.32
C LYS A 153 -23.49 -25.54 10.16
N GLY A 154 -22.59 -24.55 10.09
CA GLY A 154 -21.14 -24.79 10.02
C GLY A 154 -20.54 -24.85 8.62
N GLY A 155 -21.36 -24.83 7.58
CA GLY A 155 -20.84 -24.77 6.20
C GLY A 155 -19.87 -25.90 5.92
N TRP A 156 -18.71 -25.56 5.38
CA TRP A 156 -17.68 -26.55 4.98
C TRP A 156 -17.04 -27.30 6.16
N ALA A 157 -17.22 -26.77 7.36
CA ALA A 157 -16.80 -27.43 8.61
C ALA A 157 -17.66 -28.65 9.00
N ASN A 158 -18.88 -28.73 8.50
CA ASN A 158 -19.83 -29.75 8.88
C ASN A 158 -19.76 -30.90 7.88
N ARG A 159 -19.48 -32.11 8.38
CA ARG A 159 -19.40 -33.30 7.53
C ARG A 159 -20.65 -33.50 6.66
N GLU A 160 -21.79 -33.06 7.16
CA GLU A 160 -23.04 -33.21 6.45
C GLU A 160 -23.07 -32.41 5.17
N ILE A 161 -22.14 -31.46 4.99
CA ILE A 161 -22.10 -30.73 3.70
C ILE A 161 -21.90 -31.66 2.48
N ALA A 162 -21.32 -32.85 2.71
CA ALA A 162 -21.17 -33.81 1.61
C ALA A 162 -22.57 -34.24 1.13
N ASP A 163 -23.50 -34.44 2.06
CA ASP A 163 -24.93 -34.68 1.71
C ASP A 163 -25.60 -33.45 1.08
N TRP A 164 -25.39 -32.29 1.67
CA TRP A 164 -26.02 -31.06 1.14
C TRP A 164 -25.56 -30.78 -0.29
N PHE A 165 -24.26 -30.96 -0.51
CA PHE A 165 -23.66 -30.68 -1.80
C PHE A 165 -24.13 -31.66 -2.86
N ALA A 166 -24.24 -32.92 -2.45
CA ALA A 166 -24.73 -33.99 -3.33
C ALA A 166 -26.18 -33.73 -3.77
N GLU A 167 -27.02 -33.28 -2.84
CA GLU A 167 -28.41 -32.96 -3.13
C GLU A 167 -28.50 -31.76 -4.10
N TYR A 168 -27.74 -30.70 -3.81
CA TYR A 168 -27.60 -29.57 -4.71
C TYR A 168 -27.13 -29.99 -6.10
N SER A 169 -26.02 -30.71 -6.16
CA SER A 169 -25.48 -31.16 -7.46
C SER A 169 -26.53 -31.97 -8.23
N ARG A 170 -27.24 -32.87 -7.54
CA ARG A 170 -28.28 -33.71 -8.14
CA ARG A 170 -28.26 -33.71 -8.16
C ARG A 170 -29.34 -32.86 -8.82
N VAL A 171 -29.76 -31.79 -8.15
CA VAL A 171 -30.77 -30.88 -8.69
C VAL A 171 -30.28 -30.30 -10.01
N LEU A 172 -29.07 -29.77 -9.99
CA LEU A 172 -28.42 -29.25 -11.20
C LEU A 172 -28.31 -30.27 -12.33
N PHE A 173 -27.87 -31.47 -12.01
CA PHE A 173 -27.73 -32.50 -13.02
C PHE A 173 -29.09 -32.87 -13.60
N GLU A 174 -30.10 -33.01 -12.74
CA GLU A 174 -31.45 -33.38 -13.14
CA GLU A 174 -31.43 -33.40 -13.19
C GLU A 174 -32.09 -32.33 -14.05
N ASN A 175 -31.87 -31.06 -13.72
CA ASN A 175 -32.43 -29.95 -14.46
C ASN A 175 -31.66 -29.49 -15.70
N PHE A 176 -30.32 -29.58 -15.65
CA PHE A 176 -29.50 -29.02 -16.72
C PHE A 176 -28.68 -30.03 -17.49
N GLY A 177 -28.51 -31.23 -16.94
CA GLY A 177 -27.64 -32.24 -17.52
C GLY A 177 -28.07 -32.79 -18.87
N ASP A 178 -29.29 -32.48 -19.27
CA ASP A 178 -29.72 -32.78 -20.64
C ASP A 178 -28.96 -31.93 -21.65
N ARG A 179 -28.62 -30.70 -21.27
CA ARG A 179 -27.92 -29.77 -22.17
C ARG A 179 -26.46 -29.50 -21.81
N VAL A 180 -26.17 -29.30 -20.53
CA VAL A 180 -24.78 -29.09 -20.08
C VAL A 180 -24.07 -30.43 -19.90
N LYS A 181 -22.93 -30.59 -20.56
CA LYS A 181 -22.22 -31.87 -20.57
C LYS A 181 -20.82 -31.79 -19.95
N ASN A 182 -20.45 -30.59 -19.49
CA ASN A 182 -19.12 -30.36 -18.94
C ASN A 182 -19.28 -29.62 -17.60
N TRP A 183 -18.84 -30.25 -16.52
CA TRP A 183 -19.23 -29.82 -15.15
C TRP A 183 -17.98 -29.78 -14.30
N ILE A 184 -17.93 -28.81 -13.39
CA ILE A 184 -16.84 -28.66 -12.44
C ILE A 184 -17.49 -28.61 -11.04
N THR A 185 -17.06 -29.49 -10.12
CA THR A 185 -17.69 -29.53 -8.80
C THR A 185 -17.34 -28.26 -8.04
N LEU A 186 -16.04 -28.03 -7.86
CA LEU A 186 -15.51 -26.97 -7.01
C LEU A 186 -14.49 -26.14 -7.74
N ASN A 187 -14.60 -24.83 -7.58
CA ASN A 187 -13.52 -23.89 -7.83
C ASN A 187 -12.63 -23.66 -6.64
N GLU A 188 -11.38 -24.09 -6.77
CA GLU A 188 -10.29 -23.74 -5.88
C GLU A 188 -10.60 -24.08 -4.43
N PRO A 189 -10.83 -25.38 -4.15
CA PRO A 189 -11.11 -25.75 -2.75
C PRO A 189 -10.03 -25.32 -1.75
N TRP A 190 -8.79 -25.17 -2.20
CA TRP A 190 -7.77 -24.65 -1.27
C TRP A 190 -8.15 -23.25 -0.81
N VAL A 191 -8.56 -22.40 -1.76
CA VAL A 191 -8.94 -21.02 -1.42
C VAL A 191 -10.16 -21.10 -0.45
N VAL A 192 -11.19 -21.82 -0.83
CA VAL A 192 -12.40 -21.97 -0.01
C VAL A 192 -12.04 -22.34 1.44
N ALA A 193 -11.19 -23.35 1.62
CA ALA A 193 -10.76 -23.79 2.95
C ALA A 193 -9.87 -22.81 3.62
N ILE A 194 -8.74 -22.49 2.99
CA ILE A 194 -7.68 -21.78 3.69
C ILE A 194 -7.90 -20.28 3.69
N VAL A 195 -8.30 -19.70 2.57
CA VAL A 195 -8.52 -18.25 2.57
C VAL A 195 -9.82 -17.90 3.34
N GLY A 196 -10.81 -18.79 3.26
CA GLY A 196 -12.09 -18.58 3.95
C GLY A 196 -12.04 -18.90 5.43
N HIS A 197 -11.23 -19.88 5.83
CA HIS A 197 -11.35 -20.41 7.20
C HIS A 197 -10.07 -20.35 8.07
N LEU A 198 -8.92 -20.06 7.45
CA LEU A 198 -7.65 -19.86 8.16
C LEU A 198 -7.22 -18.42 8.06
N TYR A 199 -7.17 -17.88 6.84
CA TYR A 199 -6.73 -16.50 6.69
C TYR A 199 -7.85 -15.54 7.09
N GLY A 200 -9.10 -15.97 6.94
CA GLY A 200 -10.24 -15.08 7.26
C GLY A 200 -10.48 -13.93 6.29
N VAL A 201 -9.85 -14.01 5.13
CA VAL A 201 -9.89 -12.93 4.14
C VAL A 201 -11.08 -13.08 3.19
N HIS A 202 -11.57 -14.31 3.04
CA HIS A 202 -12.78 -14.56 2.25
C HIS A 202 -13.87 -15.08 3.16
N ALA A 203 -15.11 -15.07 2.67
CA ALA A 203 -16.21 -15.68 3.42
C ALA A 203 -15.88 -17.15 3.72
N PRO A 204 -16.29 -17.66 4.89
CA PRO A 204 -17.05 -17.02 5.96
C PRO A 204 -16.24 -16.19 6.94
N GLY A 205 -14.97 -15.92 6.63
CA GLY A 205 -14.12 -15.03 7.42
C GLY A 205 -13.60 -15.59 8.72
N MET A 206 -13.21 -16.85 8.75
CA MET A 206 -12.78 -17.48 9.99
CA MET A 206 -12.78 -17.49 9.99
C MET A 206 -11.26 -17.65 10.03
N ARG A 207 -10.71 -17.79 11.24
CA ARG A 207 -9.27 -18.03 11.39
C ARG A 207 -9.11 -19.11 12.43
N ASP A 208 -9.28 -20.35 11.98
CA ASP A 208 -9.10 -21.54 12.81
C ASP A 208 -8.50 -22.61 11.89
N ILE A 209 -7.28 -23.04 12.21
CA ILE A 209 -6.57 -24.01 11.35
C ILE A 209 -7.23 -25.39 11.40
N TYR A 210 -7.85 -25.74 12.52
CA TYR A 210 -8.55 -27.01 12.60
C TYR A 210 -9.82 -26.98 11.76
N VAL A 211 -10.55 -25.88 11.82
CA VAL A 211 -11.71 -25.77 10.91
C VAL A 211 -11.28 -25.80 9.43
N ALA A 212 -10.22 -25.04 9.10
CA ALA A 212 -9.70 -24.96 7.71
C ALA A 212 -9.32 -26.34 7.17
N PHE A 213 -8.67 -27.19 7.97
CA PHE A 213 -8.36 -28.54 7.46
C PHE A 213 -9.56 -29.47 7.43
N ARG A 214 -10.53 -29.29 8.34
CA ARG A 214 -11.76 -30.06 8.18
CA ARG A 214 -11.81 -30.01 8.22
C ARG A 214 -12.52 -29.63 6.91
N ALA A 215 -12.44 -28.34 6.56
CA ALA A 215 -13.07 -27.87 5.30
C ALA A 215 -12.37 -28.52 4.08
N VAL A 216 -11.03 -28.49 4.05
CA VAL A 216 -10.28 -29.26 3.01
C VAL A 216 -10.87 -30.63 2.83
N HIS A 217 -11.02 -31.35 3.93
CA HIS A 217 -11.44 -32.76 3.89
C HIS A 217 -12.88 -32.90 3.42
N ASN A 218 -13.76 -32.07 3.96
CA ASN A 218 -15.16 -32.09 3.56
C ASN A 218 -15.42 -31.67 2.12
N LEU A 219 -14.60 -30.79 1.61
CA LEU A 219 -14.64 -30.37 0.19
C LEU A 219 -14.37 -31.57 -0.72
N LEU A 220 -13.34 -32.34 -0.39
CA LEU A 220 -13.09 -33.61 -1.09
C LEU A 220 -14.27 -34.57 -1.02
N ARG A 221 -14.85 -34.75 0.16
CA ARG A 221 -15.96 -35.69 0.31
C ARG A 221 -17.16 -35.21 -0.46
N ALA A 222 -17.43 -33.90 -0.40
CA ALA A 222 -18.57 -33.31 -1.15
C ALA A 222 -18.30 -33.47 -2.66
N HIS A 223 -17.10 -33.11 -3.09
CA HIS A 223 -16.72 -33.33 -4.49
C HIS A 223 -16.98 -34.78 -4.90
N ALA A 224 -16.46 -35.73 -4.13
CA ALA A 224 -16.62 -37.13 -4.51
C ALA A 224 -18.08 -37.56 -4.55
N ARG A 225 -18.88 -37.15 -3.57
CA ARG A 225 -20.33 -37.45 -3.57
CA ARG A 225 -20.30 -37.48 -3.57
C ARG A 225 -21.02 -36.91 -4.81
N ALA A 226 -20.67 -35.68 -5.20
CA ALA A 226 -21.24 -35.06 -6.38
C ALA A 226 -20.89 -35.86 -7.63
N VAL A 227 -19.63 -36.21 -7.81
CA VAL A 227 -19.23 -37.08 -8.96
C VAL A 227 -20.03 -38.39 -8.98
N LYS A 228 -20.16 -39.02 -7.82
CA LYS A 228 -20.93 -40.26 -7.69
C LYS A 228 -22.37 -40.10 -8.21
N VAL A 229 -23.06 -39.05 -7.76
CA VAL A 229 -24.41 -38.76 -8.26
C VAL A 229 -24.41 -38.41 -9.76
N PHE A 230 -23.38 -37.73 -10.23
CA PHE A 230 -23.27 -37.38 -11.66
C PHE A 230 -23.34 -38.65 -12.54
N ARG A 231 -22.60 -39.68 -12.15
CA ARG A 231 -22.59 -40.99 -12.83
C ARG A 231 -23.93 -41.68 -12.88
N GLU A 232 -24.79 -41.41 -11.90
CA GLU A 232 -26.13 -41.97 -11.84
C GLU A 232 -27.09 -41.12 -12.65
N THR A 233 -26.77 -39.85 -12.87
CA THR A 233 -27.75 -38.93 -13.44
CA THR A 233 -27.73 -38.89 -13.41
C THR A 233 -27.41 -38.46 -14.84
N VAL A 234 -26.14 -38.28 -15.16
CA VAL A 234 -25.75 -37.76 -16.47
C VAL A 234 -24.78 -38.75 -17.11
N LYS A 235 -25.33 -39.73 -17.79
CA LYS A 235 -24.47 -40.79 -18.34
C LYS A 235 -23.65 -40.42 -19.61
N ASP A 236 -23.92 -39.23 -20.20
CA ASP A 236 -23.14 -38.74 -21.36
CA ASP A 236 -23.17 -38.72 -21.37
C ASP A 236 -22.31 -37.49 -21.08
N GLY A 237 -22.07 -37.17 -19.82
CA GLY A 237 -21.30 -35.95 -19.51
C GLY A 237 -19.92 -36.21 -18.98
N LYS A 238 -19.16 -35.12 -18.79
CA LYS A 238 -17.85 -35.13 -18.16
C LYS A 238 -17.80 -34.17 -16.95
N ILE A 239 -17.12 -34.60 -15.90
CA ILE A 239 -17.03 -33.84 -14.67
CA ILE A 239 -17.03 -33.87 -14.63
C ILE A 239 -15.59 -33.84 -14.13
N GLY A 240 -15.18 -32.68 -13.64
CA GLY A 240 -13.87 -32.46 -13.10
C GLY A 240 -13.92 -31.51 -11.92
N ILE A 241 -12.77 -30.97 -11.57
CA ILE A 241 -12.59 -30.10 -10.41
C ILE A 241 -11.45 -29.15 -10.73
N VAL A 242 -11.50 -27.93 -10.16
CA VAL A 242 -10.54 -26.86 -10.48
C VAL A 242 -9.69 -26.49 -9.26
N PHE A 243 -8.37 -26.37 -9.49
CA PHE A 243 -7.44 -25.98 -8.44
C PHE A 243 -6.67 -24.73 -8.81
N ASN A 244 -6.38 -23.91 -7.82
CA ASN A 244 -5.46 -22.80 -7.99
C ASN A 244 -4.03 -23.34 -7.97
N ASN A 245 -3.14 -22.65 -8.68
CA ASN A 245 -1.74 -23.07 -8.70
C ASN A 245 -0.83 -21.90 -8.84
N GLY A 246 0.26 -21.93 -8.08
CA GLY A 246 1.33 -20.95 -8.22
C GLY A 246 2.58 -21.65 -8.74
N TYR A 247 3.44 -20.93 -9.44
CA TYR A 247 4.75 -21.49 -9.78
C TYR A 247 5.76 -21.10 -8.71
N PHE A 248 6.11 -22.04 -7.85
CA PHE A 248 7.02 -21.73 -6.76
C PHE A 248 8.48 -22.07 -7.13
N GLU A 249 9.37 -21.10 -6.93
CA GLU A 249 10.80 -21.30 -7.18
C GLU A 249 11.59 -21.02 -5.91
N PRO A 250 12.67 -21.80 -5.68
CA PRO A 250 13.44 -21.67 -4.43
C PRO A 250 14.37 -20.47 -4.49
N ALA A 251 14.52 -19.78 -3.38
CA ALA A 251 15.31 -18.54 -3.36
C ALA A 251 16.81 -18.80 -3.47
N SER A 252 17.20 -20.05 -3.19
CA SER A 252 18.61 -20.45 -3.09
C SER A 252 18.79 -21.91 -3.56
N GLU A 253 19.57 -22.69 -2.79
CA GLU A 253 19.73 -24.15 -3.01
C GLU A 253 20.27 -24.87 -1.79
N ARG A 259 13.06 -27.46 -0.84
CA ARG A 259 12.12 -28.10 0.07
C ARG A 259 10.89 -27.25 0.50
N ALA A 260 11.14 -25.97 0.82
CA ALA A 260 10.05 -25.05 1.08
C ALA A 260 9.17 -25.05 -0.16
N VAL A 261 9.80 -25.25 -1.32
CA VAL A 261 9.11 -25.31 -2.63
C VAL A 261 8.25 -26.57 -2.77
N ARG A 262 8.79 -27.70 -2.33
CA ARG A 262 8.10 -28.99 -2.31
CA ARG A 262 8.05 -28.95 -2.37
C ARG A 262 6.82 -28.91 -1.47
N PHE A 263 6.95 -28.26 -0.31
CA PHE A 263 5.79 -28.06 0.56
C PHE A 263 4.75 -27.10 -0.05
N MET A 264 5.18 -25.98 -0.61
CA MET A 264 4.23 -25.01 -1.20
C MET A 264 3.45 -25.61 -2.36
N HIS A 265 4.11 -26.42 -3.18
CA HIS A 265 3.46 -27.09 -4.28
C HIS A 265 2.44 -28.12 -3.79
N GLN A 266 2.83 -28.91 -2.80
CA GLN A 266 1.96 -29.98 -2.31
C GLN A 266 0.73 -29.42 -1.56
N PHE A 267 0.93 -28.28 -0.90
CA PHE A 267 -0.10 -27.64 -0.08
C PHE A 267 -0.96 -26.64 -0.89
N ASN A 268 -0.31 -25.76 -1.65
CA ASN A 268 -0.98 -24.67 -2.36
C ASN A 268 -1.48 -25.06 -3.76
N ASN A 269 -0.87 -26.10 -4.37
CA ASN A 269 -1.24 -26.49 -5.73
C ASN A 269 -2.09 -27.75 -5.73
N TYR A 270 -2.37 -28.31 -6.91
CA TYR A 270 -3.30 -29.44 -7.10
C TYR A 270 -3.03 -30.70 -6.22
N PRO A 271 -1.76 -30.95 -5.78
CA PRO A 271 -1.54 -32.21 -5.05
C PRO A 271 -2.34 -32.37 -3.75
N LEU A 272 -2.64 -31.27 -3.06
CA LEU A 272 -3.48 -31.36 -1.85
C LEU A 272 -4.74 -32.17 -2.09
N PHE A 273 -5.30 -32.00 -3.30
CA PHE A 273 -6.55 -32.65 -3.66
C PHE A 273 -6.37 -33.86 -4.58
N LEU A 274 -5.40 -33.76 -5.49
CA LEU A 274 -5.17 -34.88 -6.43
C LEU A 274 -4.47 -36.09 -5.81
N ASN A 275 -3.69 -35.89 -4.75
CA ASN A 275 -3.13 -37.04 -4.06
C ASN A 275 -4.22 -37.87 -3.40
N PRO A 276 -5.16 -37.24 -2.62
CA PRO A 276 -6.37 -38.00 -2.22
C PRO A 276 -7.13 -38.64 -3.39
N ILE A 277 -7.39 -37.87 -4.45
CA ILE A 277 -8.24 -38.37 -5.54
C ILE A 277 -7.59 -39.55 -6.28
N TYR A 278 -6.30 -39.42 -6.59
CA TYR A 278 -5.59 -40.46 -7.36
C TYR A 278 -4.89 -41.52 -6.52
N ARG A 279 -4.45 -41.18 -5.32
CA ARG A 279 -3.63 -42.08 -4.49
C ARG A 279 -4.23 -42.44 -3.12
N GLY A 280 -5.31 -41.78 -2.72
CA GLY A 280 -6.02 -42.15 -1.51
C GLY A 280 -5.38 -41.62 -0.23
N ASP A 281 -4.52 -40.62 -0.34
CA ASP A 281 -4.05 -39.95 0.87
C ASP A 281 -3.60 -38.55 0.52
N TYR A 282 -3.49 -37.67 1.52
CA TYR A 282 -2.89 -36.34 1.38
C TYR A 282 -1.42 -36.46 1.04
N PRO A 283 -0.84 -35.42 0.43
CA PRO A 283 0.61 -35.50 0.17
C PRO A 283 1.47 -35.48 1.45
N GLU A 284 2.72 -35.92 1.31
CA GLU A 284 3.58 -36.24 2.44
C GLU A 284 3.90 -35.01 3.27
N LEU A 285 4.27 -33.92 2.63
CA LEU A 285 4.64 -32.74 3.38
C LEU A 285 3.42 -31.98 3.97
N VAL A 286 2.24 -32.21 3.37
CA VAL A 286 0.99 -31.71 3.96
C VAL A 286 0.72 -32.47 5.26
N LEU A 287 0.83 -33.79 5.24
CA LEU A 287 0.66 -34.55 6.48
C LEU A 287 1.66 -34.16 7.57
N GLU A 288 2.91 -33.95 7.21
CA GLU A 288 3.92 -33.48 8.18
C GLU A 288 3.43 -32.21 8.90
N PHE A 289 2.98 -31.22 8.14
CA PHE A 289 2.52 -29.95 8.70
C PHE A 289 1.14 -30.04 9.35
N ALA A 290 0.24 -30.86 8.80
CA ALA A 290 -1.19 -30.71 9.09
C ALA A 290 -1.92 -31.90 9.68
N ARG A 291 -1.20 -33.01 9.98
CA ARG A 291 -1.89 -34.21 10.44
C ARG A 291 -2.80 -33.95 11.65
N GLU A 292 -2.29 -33.16 12.59
CA GLU A 292 -3.01 -32.88 13.82
C GLU A 292 -4.29 -32.07 13.59
N TYR A 293 -4.38 -31.37 12.46
CA TYR A 293 -5.56 -30.51 12.13
C TYR A 293 -6.63 -31.28 11.40
N LEU A 294 -6.27 -32.45 10.88
CA LEU A 294 -7.22 -33.28 10.15
CA LEU A 294 -7.20 -33.30 10.15
C LEU A 294 -8.01 -34.15 11.10
N PRO A 295 -9.20 -34.59 10.67
CA PRO A 295 -9.87 -35.51 11.61
C PRO A 295 -9.02 -36.76 11.80
N GLU A 296 -9.13 -37.36 12.99
CA GLU A 296 -8.29 -38.48 13.39
C GLU A 296 -8.42 -39.68 12.44
N ASN A 297 -9.65 -39.97 12.03
CA ASN A 297 -9.93 -41.11 11.17
C ASN A 297 -10.23 -40.66 9.73
N TYR A 298 -9.53 -39.63 9.28
CA TYR A 298 -9.73 -39.04 7.96
C TYR A 298 -9.53 -40.09 6.83
N LYS A 299 -8.64 -41.07 7.04
CA LYS A 299 -8.37 -42.13 6.06
C LYS A 299 -9.61 -42.96 5.77
N ASP A 300 -10.52 -43.07 6.72
CA ASP A 300 -11.75 -43.84 6.45
C ASP A 300 -12.53 -43.35 5.22
N ASP A 301 -12.34 -42.07 4.87
CA ASP A 301 -13.13 -41.44 3.82
C ASP A 301 -12.39 -41.50 2.48
N MET A 302 -11.15 -41.97 2.51
CA MET A 302 -10.31 -41.89 1.33
C MET A 302 -10.79 -42.78 0.19
N SER A 303 -11.36 -43.95 0.53
CA SER A 303 -11.84 -44.85 -0.51
C SER A 303 -12.88 -44.15 -1.38
N GLU A 304 -13.81 -43.41 -0.75
CA GLU A 304 -14.86 -42.72 -1.50
CA GLU A 304 -14.86 -42.70 -1.49
C GLU A 304 -14.34 -41.50 -2.25
N ILE A 305 -13.36 -40.82 -1.68
CA ILE A 305 -12.73 -39.64 -2.28
C ILE A 305 -12.09 -39.97 -3.63
N GLN A 306 -11.66 -41.23 -3.78
CA GLN A 306 -11.04 -41.67 -5.03
C GLN A 306 -11.97 -41.84 -6.25
N GLU A 307 -13.22 -41.44 -6.12
CA GLU A 307 -14.20 -41.45 -7.21
C GLU A 307 -13.56 -40.91 -8.50
N LYS A 308 -13.67 -41.65 -9.61
CA LYS A 308 -12.99 -41.26 -10.86
C LYS A 308 -13.52 -39.96 -11.45
N ILE A 309 -12.60 -39.06 -11.78
CA ILE A 309 -12.92 -37.79 -12.43
C ILE A 309 -12.52 -37.83 -13.91
N ASP A 310 -13.18 -36.98 -14.70
CA ASP A 310 -12.95 -36.94 -16.15
C ASP A 310 -11.87 -35.98 -16.59
N PHE A 311 -11.69 -34.88 -15.85
CA PHE A 311 -10.67 -33.90 -16.19
C PHE A 311 -10.25 -33.11 -14.96
N VAL A 312 -9.11 -32.44 -15.07
CA VAL A 312 -8.62 -31.56 -14.04
C VAL A 312 -8.60 -30.17 -14.69
N GLY A 313 -9.19 -29.17 -14.03
CA GLY A 313 -8.99 -27.78 -14.45
C GLY A 313 -7.88 -27.17 -13.62
N LEU A 314 -6.92 -26.48 -14.25
CA LEU A 314 -5.91 -25.74 -13.46
C LEU A 314 -6.08 -24.26 -13.73
N ASN A 315 -6.13 -23.49 -12.66
CA ASN A 315 -6.11 -22.05 -12.72
C ASN A 315 -4.66 -21.65 -12.43
N TYR A 316 -4.14 -20.71 -13.21
CA TYR A 316 -2.78 -20.25 -13.00
C TYR A 316 -2.61 -18.75 -13.27
N TYR A 317 -1.93 -18.04 -12.37
CA TYR A 317 -1.79 -16.57 -12.48
C TYR A 317 -0.37 -16.03 -12.29
N SER A 318 0.39 -16.59 -11.35
CA SER A 318 1.69 -16.03 -11.01
C SER A 318 2.68 -16.99 -10.40
N GLY A 319 3.91 -16.50 -10.28
CA GLY A 319 4.98 -17.22 -9.64
C GLY A 319 5.42 -16.58 -8.36
N HIS A 320 6.11 -17.35 -7.52
CA HIS A 320 6.53 -16.89 -6.23
C HIS A 320 7.90 -17.41 -5.87
N LEU A 321 8.79 -16.47 -5.52
CA LEU A 321 10.06 -16.86 -4.92
C LEU A 321 9.82 -17.19 -3.45
N VAL A 322 10.39 -18.32 -3.03
CA VAL A 322 10.04 -18.99 -1.81
C VAL A 322 11.31 -19.41 -1.07
N LYS A 323 11.31 -19.22 0.25
CA LYS A 323 12.43 -19.60 1.08
C LYS A 323 11.98 -20.16 2.41
N PHE A 324 12.74 -21.11 2.95
CA PHE A 324 12.56 -21.54 4.34
C PHE A 324 12.74 -20.34 5.25
N ASP A 325 11.99 -20.34 6.35
CA ASP A 325 11.91 -19.20 7.26
C ASP A 325 11.30 -19.69 8.57
N PRO A 326 12.12 -19.84 9.64
CA PRO A 326 11.76 -20.46 10.93
C PRO A 326 10.56 -19.84 11.67
N ALA A 330 4.12 -21.36 8.94
CA ALA A 330 4.33 -22.60 8.18
C ALA A 330 5.78 -22.85 7.70
N LYS A 331 6.72 -22.03 8.19
CA LYS A 331 8.17 -22.19 7.91
C LYS A 331 8.57 -21.80 6.49
N VAL A 332 7.73 -20.96 5.87
CA VAL A 332 7.98 -20.49 4.51
C VAL A 332 7.58 -19.04 4.42
N SER A 333 8.41 -18.23 3.78
CA SER A 333 8.00 -16.89 3.42
C SER A 333 8.30 -16.68 1.96
N PHE A 334 7.62 -15.70 1.36
CA PHE A 334 7.85 -15.31 -0.02
C PHE A 334 8.93 -14.25 -0.07
N VAL A 335 9.64 -14.18 -1.19
CA VAL A 335 10.62 -13.14 -1.44
C VAL A 335 10.23 -12.36 -2.68
N GLU A 336 10.05 -11.05 -2.53
CA GLU A 336 9.83 -10.16 -3.67
C GLU A 336 10.99 -10.24 -4.67
N ARG A 337 10.67 -10.34 -5.94
CA ARG A 337 11.65 -10.26 -7.02
C ARG A 337 11.28 -9.04 -7.83
N ASP A 338 12.21 -8.50 -8.62
CA ASP A 338 11.87 -7.42 -9.54
CA ASP A 338 11.89 -7.42 -9.55
C ASP A 338 10.63 -7.79 -10.35
N LEU A 339 10.81 -8.56 -11.41
CA LEU A 339 9.77 -9.04 -12.30
C LEU A 339 8.60 -8.06 -12.57
N PRO A 340 8.18 -7.93 -13.84
CA PRO A 340 6.94 -7.19 -13.99
C PRO A 340 5.82 -7.83 -13.14
N LYS A 341 4.94 -6.99 -12.60
CA LYS A 341 3.83 -7.43 -11.76
C LYS A 341 2.54 -6.85 -12.27
N THR A 342 1.43 -7.52 -11.96
CA THR A 342 0.12 -6.97 -12.33
C THR A 342 -0.28 -6.00 -11.22
N ALA A 343 -1.44 -5.40 -11.37
CA ALA A 343 -2.01 -4.54 -10.35
C ALA A 343 -2.28 -5.24 -9.01
N MET A 344 -2.36 -6.58 -9.04
CA MET A 344 -2.55 -7.34 -7.83
C MET A 344 -1.24 -7.39 -7.07
N GLY A 345 -0.15 -7.07 -7.76
CA GLY A 345 1.20 -7.19 -7.22
C GLY A 345 1.75 -8.57 -7.48
N TRP A 346 1.13 -9.29 -8.44
CA TRP A 346 1.46 -10.68 -8.69
C TRP A 346 2.57 -10.73 -9.75
N GLU A 347 3.68 -11.40 -9.45
CA GLU A 347 4.79 -11.54 -10.40
C GLU A 347 4.35 -12.29 -11.65
N ILE A 348 4.64 -11.71 -12.82
CA ILE A 348 4.28 -12.29 -14.10
C ILE A 348 5.34 -13.31 -14.51
N VAL A 349 4.99 -14.60 -14.41
CA VAL A 349 5.93 -15.68 -14.71
C VAL A 349 5.29 -16.70 -15.63
N PRO A 350 5.34 -16.46 -16.95
CA PRO A 350 4.58 -17.26 -17.92
C PRO A 350 5.00 -18.73 -18.00
N GLU A 351 6.29 -19.02 -17.85
CA GLU A 351 6.76 -20.42 -17.90
C GLU A 351 6.11 -21.24 -16.80
N GLY A 352 5.46 -20.55 -15.86
CA GLY A 352 4.77 -21.20 -14.76
C GLY A 352 3.63 -22.06 -15.24
N ILE A 353 2.91 -21.58 -16.23
CA ILE A 353 1.78 -22.31 -16.79
C ILE A 353 2.23 -23.59 -17.48
N TYR A 354 3.36 -23.51 -18.20
CA TYR A 354 4.00 -24.70 -18.80
C TYR A 354 4.40 -25.70 -17.71
N TRP A 355 5.09 -25.21 -16.68
CA TRP A 355 5.58 -26.03 -15.62
C TRP A 355 4.46 -26.81 -14.94
N ILE A 356 3.35 -26.13 -14.62
CA ILE A 356 2.26 -26.74 -13.89
C ILE A 356 1.55 -27.75 -14.78
N LEU A 357 1.49 -27.47 -16.08
CA LEU A 357 0.86 -28.41 -17.01
C LEU A 357 1.65 -29.69 -17.15
N LYS A 358 2.96 -29.53 -17.22
CA LYS A 358 3.89 -30.67 -17.32
C LYS A 358 3.85 -31.44 -16.02
N LYS A 359 3.91 -30.71 -14.92
CA LYS A 359 3.95 -31.32 -13.59
C LYS A 359 2.71 -32.16 -13.29
N VAL A 360 1.51 -31.68 -13.67
CA VAL A 360 0.30 -32.44 -13.38
C VAL A 360 0.27 -33.78 -14.16
N LYS A 361 0.78 -33.76 -15.40
CA LYS A 361 0.90 -35.02 -16.17
C LYS A 361 1.96 -35.90 -15.50
N GLU A 362 3.11 -35.34 -15.17
CA GLU A 362 4.16 -36.14 -14.55
C GLU A 362 3.68 -36.82 -13.26
N GLU A 363 2.86 -36.11 -12.47
CA GLU A 363 2.44 -36.60 -11.15
C GLU A 363 1.18 -37.46 -11.12
N TYR A 364 0.15 -37.11 -11.90
CA TYR A 364 -1.13 -37.81 -11.77
C TYR A 364 -1.70 -38.25 -13.11
N ASN A 365 -1.08 -37.80 -14.18
CA ASN A 365 -1.52 -38.17 -15.53
C ASN A 365 -3.04 -38.16 -15.70
N PRO A 366 -3.70 -37.01 -15.43
CA PRO A 366 -5.13 -37.04 -15.66
C PRO A 366 -5.35 -37.21 -17.15
N PRO A 367 -6.49 -37.83 -17.52
CA PRO A 367 -6.75 -38.05 -18.96
C PRO A 367 -6.98 -36.76 -19.78
N GLU A 368 -7.62 -35.74 -19.18
CA GLU A 368 -7.73 -34.42 -19.81
C GLU A 368 -7.40 -33.31 -18.81
N VAL A 369 -6.80 -32.22 -19.31
CA VAL A 369 -6.59 -31.03 -18.51
C VAL A 369 -7.22 -29.83 -19.25
N TYR A 370 -7.71 -28.87 -18.47
CA TYR A 370 -8.06 -27.55 -19.00
C TYR A 370 -7.36 -26.48 -18.18
N ILE A 371 -6.88 -25.44 -18.83
CA ILE A 371 -6.62 -24.19 -18.10
C ILE A 371 -7.98 -23.48 -17.93
N THR A 372 -8.52 -23.53 -16.72
CA THR A 372 -9.87 -23.00 -16.47
C THR A 372 -9.93 -21.52 -16.09
N GLU A 373 -8.76 -20.92 -15.83
CA GLU A 373 -8.58 -19.49 -15.56
C GLU A 373 -7.13 -19.10 -15.80
N ASN A 374 -6.93 -17.98 -16.50
CA ASN A 374 -5.58 -17.36 -16.66
C ASN A 374 -5.87 -15.93 -17.04
N GLY A 375 -5.25 -14.99 -16.35
CA GLY A 375 -5.53 -13.61 -16.63
C GLY A 375 -4.76 -12.66 -15.73
N ALA A 376 -5.08 -11.39 -15.88
CA ALA A 376 -4.30 -10.37 -15.23
C ALA A 376 -5.15 -9.14 -14.96
N ALA A 377 -4.87 -8.54 -13.82
CA ALA A 377 -5.45 -7.26 -13.47
C ALA A 377 -4.46 -6.15 -13.83
N PHE A 378 -4.91 -5.21 -14.65
CA PHE A 378 -4.15 -3.98 -14.88
C PHE A 378 -5.05 -2.76 -14.68
N ASP A 379 -4.41 -1.60 -14.50
CA ASP A 379 -5.11 -0.38 -14.23
C ASP A 379 -5.61 0.19 -15.55
N ASP A 380 -6.68 -0.42 -16.06
CA ASP A 380 -7.27 -0.04 -17.33
C ASP A 380 -7.95 1.31 -17.27
N VAL A 381 -7.77 2.07 -18.34
CA VAL A 381 -8.48 3.34 -18.55
C VAL A 381 -9.05 3.35 -19.96
N VAL A 382 -10.17 4.04 -20.13
CA VAL A 382 -10.70 4.34 -21.45
C VAL A 382 -9.97 5.59 -21.99
N SER A 383 -9.26 5.42 -23.09
CA SER A 383 -8.56 6.50 -23.80
C SER A 383 -9.56 7.42 -24.47
N GLU A 384 -9.07 8.58 -24.92
CA GLU A 384 -9.91 9.58 -25.58
C GLU A 384 -10.56 8.99 -26.84
N ASP A 385 -9.85 8.05 -27.45
CA ASP A 385 -10.33 7.38 -28.66
C ASP A 385 -11.47 6.37 -28.42
N GLY A 386 -11.89 6.24 -27.16
CA GLY A 386 -12.97 5.32 -26.78
C GLY A 386 -12.54 3.87 -26.55
N ARG A 387 -11.24 3.61 -26.68
CA ARG A 387 -10.68 2.26 -26.56
C ARG A 387 -9.87 2.02 -25.25
N VAL A 388 -9.69 0.75 -24.88
CA VAL A 388 -8.90 0.37 -23.70
C VAL A 388 -7.66 -0.35 -24.19
N HIS A 389 -6.53 0.34 -24.15
CA HIS A 389 -5.33 -0.10 -24.83
C HIS A 389 -4.49 -0.91 -23.87
N ASP A 390 -4.99 -2.09 -23.52
CA ASP A 390 -4.36 -2.90 -22.51
C ASP A 390 -3.30 -3.83 -23.07
N GLN A 391 -2.24 -3.23 -23.62
CA GLN A 391 -1.17 -3.99 -24.22
C GLN A 391 -0.53 -4.91 -23.20
N ASN A 392 -0.49 -4.44 -21.95
CA ASN A 392 0.07 -5.22 -20.85
C ASN A 392 -0.63 -6.58 -20.67
N ARG A 393 -1.94 -6.59 -20.86
CA ARG A 393 -2.76 -7.80 -20.78
C ARG A 393 -2.59 -8.69 -22.01
N ILE A 394 -2.52 -8.08 -23.20
CA ILE A 394 -2.23 -8.82 -24.44
C ILE A 394 -0.93 -9.56 -24.25
N ASP A 395 0.09 -8.87 -23.74
CA ASP A 395 1.41 -9.46 -23.56
C ASP A 395 1.37 -10.63 -22.60
N TYR A 396 0.62 -10.45 -21.52
CA TYR A 396 0.41 -11.49 -20.50
C TYR A 396 -0.29 -12.69 -21.11
N LEU A 397 -1.44 -12.49 -21.73
CA LEU A 397 -2.16 -13.63 -22.32
C LEU A 397 -1.32 -14.35 -23.38
N LYS A 398 -0.73 -13.57 -24.28
CA LYS A 398 0.06 -14.13 -25.37
C LYS A 398 1.16 -15.02 -24.84
N ALA A 399 1.88 -14.54 -23.84
CA ALA A 399 2.98 -15.28 -23.25
C ALA A 399 2.55 -16.62 -22.67
N HIS A 400 1.41 -16.64 -21.97
CA HIS A 400 0.89 -17.83 -21.30
C HIS A 400 0.27 -18.81 -22.29
N ILE A 401 -0.52 -18.28 -23.24
CA ILE A 401 -1.05 -19.10 -24.33
C ILE A 401 0.10 -19.82 -25.07
N GLY A 402 1.21 -19.10 -25.29
CA GLY A 402 2.39 -19.69 -25.93
C GLY A 402 2.98 -20.85 -25.16
N GLN A 403 2.99 -20.72 -23.82
CA GLN A 403 3.55 -21.75 -22.94
C GLN A 403 2.60 -22.94 -22.83
N ALA A 404 1.31 -22.67 -22.78
CA ALA A 404 0.34 -23.76 -22.86
C ALA A 404 0.51 -24.50 -24.19
N TRP A 405 0.78 -23.76 -25.27
CA TRP A 405 1.05 -24.40 -26.56
C TRP A 405 2.21 -25.37 -26.43
N LYS A 406 3.29 -24.92 -25.77
CA LYS A 406 4.50 -25.71 -25.58
C LYS A 406 4.20 -27.02 -24.91
N ALA A 407 3.42 -26.94 -23.83
CA ALA A 407 2.94 -28.09 -23.08
C ALA A 407 2.17 -29.06 -23.96
N ILE A 408 1.32 -28.57 -24.85
CA ILE A 408 0.63 -29.44 -25.78
C ILE A 408 1.62 -30.14 -26.73
N GLN A 409 2.69 -29.45 -27.11
CA GLN A 409 3.65 -30.01 -28.06
C GLN A 409 4.43 -31.14 -27.42
N GLU A 410 4.61 -31.08 -26.10
CA GLU A 410 5.30 -32.09 -25.32
C GLU A 410 4.35 -33.06 -24.64
N GLY A 411 3.12 -33.17 -25.12
CA GLY A 411 2.25 -34.29 -24.76
C GLY A 411 1.20 -34.11 -23.68
N VAL A 412 1.09 -32.91 -23.13
CA VAL A 412 0.07 -32.63 -22.11
C VAL A 412 -1.28 -32.59 -22.81
N PRO A 413 -2.23 -33.41 -22.33
CA PRO A 413 -3.54 -33.45 -22.95
C PRO A 413 -4.40 -32.25 -22.54
N LEU A 414 -3.86 -31.03 -22.73
CA LEU A 414 -4.64 -29.79 -22.61
C LEU A 414 -5.76 -29.70 -23.64
N LYS A 415 -7.02 -29.67 -23.20
CA LYS A 415 -8.13 -29.64 -24.14
C LYS A 415 -8.78 -28.26 -24.32
N GLY A 416 -8.42 -27.32 -23.46
CA GLY A 416 -9.03 -25.99 -23.50
C GLY A 416 -8.31 -24.99 -22.64
N TYR A 417 -8.63 -23.71 -22.85
CA TYR A 417 -7.97 -22.59 -22.15
C TYR A 417 -9.01 -21.49 -21.96
N PHE A 418 -9.21 -21.02 -20.71
CA PHE A 418 -10.27 -20.04 -20.39
C PHE A 418 -9.65 -18.76 -19.82
N VAL A 419 -9.95 -17.64 -20.46
CA VAL A 419 -9.40 -16.40 -19.93
C VAL A 419 -10.28 -16.00 -18.72
N TRP A 420 -9.64 -15.70 -17.61
CA TRP A 420 -10.31 -14.93 -16.54
C TRP A 420 -10.01 -13.45 -16.76
N SER A 421 -10.99 -12.61 -17.06
CA SER A 421 -12.42 -12.93 -17.13
C SER A 421 -13.03 -12.33 -18.39
N LEU A 422 -14.22 -12.80 -18.78
CA LEU A 422 -14.99 -12.08 -19.80
C LEU A 422 -15.08 -10.55 -19.42
N LEU A 423 -15.46 -10.27 -18.17
CA LEU A 423 -15.80 -8.91 -17.73
C LEU A 423 -14.95 -8.47 -16.53
N ASP A 424 -14.66 -7.18 -16.41
CA ASP A 424 -14.23 -6.61 -15.12
C ASP A 424 -15.37 -6.92 -14.14
N ASN A 425 -15.06 -7.19 -12.88
CA ASN A 425 -16.13 -7.69 -12.02
C ASN A 425 -15.77 -7.47 -10.54
N PHE A 426 -16.61 -7.96 -9.63
CA PHE A 426 -16.32 -7.86 -8.19
C PHE A 426 -15.19 -8.79 -7.84
N GLU A 427 -14.04 -8.23 -7.52
CA GLU A 427 -12.86 -9.03 -7.22
C GLU A 427 -12.74 -9.38 -5.73
N TRP A 428 -13.76 -10.07 -5.21
CA TRP A 428 -13.78 -10.54 -3.84
C TRP A 428 -13.36 -9.42 -2.88
N ALA A 429 -12.39 -9.66 -2.00
CA ALA A 429 -12.10 -8.70 -0.92
C ALA A 429 -11.43 -7.42 -1.43
N GLU A 430 -11.04 -7.43 -2.72
CA GLU A 430 -10.50 -6.24 -3.38
C GLU A 430 -11.63 -5.40 -3.97
N GLY A 431 -12.85 -5.95 -3.99
CA GLY A 431 -14.00 -5.22 -4.53
C GLY A 431 -13.78 -4.87 -6.01
N TYR A 432 -14.36 -3.76 -6.47
CA TYR A 432 -14.26 -3.36 -7.89
C TYR A 432 -12.93 -2.73 -8.31
N SER A 433 -11.96 -2.68 -7.40
CA SER A 433 -10.74 -1.92 -7.65
C SER A 433 -9.77 -2.67 -8.57
N LYS A 434 -10.07 -3.94 -8.85
CA LYS A 434 -9.23 -4.73 -9.75
C LYS A 434 -10.02 -5.21 -10.96
N ARG A 435 -9.50 -4.90 -12.15
CA ARG A 435 -10.17 -5.24 -13.40
C ARG A 435 -9.40 -6.32 -14.12
N PHE A 436 -10.04 -7.49 -14.29
CA PHE A 436 -9.43 -8.68 -14.90
C PHE A 436 -10.02 -8.95 -16.29
N GLY A 437 -11.00 -8.14 -16.72
CA GLY A 437 -11.76 -8.47 -17.92
C GLY A 437 -11.02 -8.21 -19.24
N ILE A 438 -11.49 -8.84 -20.31
CA ILE A 438 -11.07 -8.52 -21.67
C ILE A 438 -12.17 -7.62 -22.24
N VAL A 439 -13.20 -7.43 -21.42
CA VAL A 439 -14.23 -6.44 -21.68
C VAL A 439 -14.27 -5.53 -20.44
N TYR A 440 -14.12 -4.22 -20.67
CA TYR A 440 -14.18 -3.20 -19.62
C TYR A 440 -15.61 -2.98 -19.22
N VAL A 441 -15.86 -2.82 -17.92
CA VAL A 441 -17.18 -2.42 -17.45
C VAL A 441 -17.12 -1.05 -16.77
N ASP A 442 -17.84 -0.08 -17.34
CA ASP A 442 -18.05 1.21 -16.71
C ASP A 442 -19.24 1.01 -15.79
N TYR A 443 -18.97 0.97 -14.49
CA TYR A 443 -19.98 0.60 -13.53
C TYR A 443 -21.02 1.69 -13.33
N SER A 444 -20.68 2.94 -13.61
CA SER A 444 -21.70 4.00 -13.54
C SER A 444 -22.82 3.78 -14.54
N THR A 445 -22.50 3.28 -15.73
CA THR A 445 -23.53 3.10 -16.76
C THR A 445 -23.85 1.64 -17.09
N GLN A 446 -22.94 0.74 -16.66
CA GLN A 446 -22.97 -0.67 -17.07
C GLN A 446 -22.58 -0.90 -18.54
N LYS A 447 -22.03 0.14 -19.17
CA LYS A 447 -21.55 0.01 -20.53
C LYS A 447 -20.41 -1.00 -20.55
N ARG A 448 -20.38 -1.84 -21.58
CA ARG A 448 -19.25 -2.72 -21.85
C ARG A 448 -18.45 -2.15 -23.01
N ILE A 449 -17.14 -2.11 -22.83
CA ILE A 449 -16.22 -1.69 -23.87
CA ILE A 449 -16.20 -1.69 -23.86
C ILE A 449 -15.23 -2.84 -24.05
N VAL A 450 -15.25 -3.48 -25.23
CA VAL A 450 -14.28 -4.54 -25.52
C VAL A 450 -12.85 -3.99 -25.52
N LYS A 451 -11.97 -4.60 -24.73
CA LYS A 451 -10.60 -4.12 -24.63
C LYS A 451 -9.77 -4.62 -25.83
N ASP A 452 -8.63 -3.97 -26.08
CA ASP A 452 -7.73 -4.45 -27.12
C ASP A 452 -7.44 -5.93 -26.90
N SER A 453 -7.34 -6.34 -25.63
CA SER A 453 -6.98 -7.74 -25.29
C SER A 453 -8.12 -8.68 -25.73
N GLY A 454 -9.35 -8.21 -25.59
CA GLY A 454 -10.53 -8.93 -26.06
C GLY A 454 -10.51 -9.09 -27.56
N TYR A 455 -10.13 -8.03 -28.28
CA TYR A 455 -10.09 -8.09 -29.73
C TYR A 455 -8.98 -9.00 -30.15
N TRP A 456 -7.84 -8.88 -29.48
CA TRP A 456 -6.69 -9.72 -29.74
C TRP A 456 -7.04 -11.21 -29.53
N TYR A 457 -7.73 -11.50 -28.43
CA TYR A 457 -8.12 -12.88 -28.10
C TYR A 457 -9.04 -13.49 -29.14
N SER A 458 -10.00 -12.71 -29.61
CA SER A 458 -10.93 -13.14 -30.64
CA SER A 458 -10.93 -13.12 -30.66
C SER A 458 -10.21 -13.60 -31.91
N ASN A 459 -9.07 -12.96 -32.20
CA ASN A 459 -8.26 -13.29 -33.37
C ASN A 459 -7.56 -14.62 -33.14
N VAL A 460 -6.96 -14.76 -31.97
CA VAL A 460 -6.40 -16.03 -31.53
C VAL A 460 -7.43 -17.18 -31.65
N VAL A 461 -8.63 -16.98 -31.13
CA VAL A 461 -9.67 -18.00 -31.22
C VAL A 461 -10.01 -18.32 -32.68
N LYS A 462 -10.30 -17.29 -33.48
CA LYS A 462 -10.58 -17.47 -34.92
C LYS A 462 -9.45 -18.26 -35.64
N ASN A 463 -8.19 -17.87 -35.41
CA ASN A 463 -7.01 -18.56 -35.98
C ASN A 463 -6.61 -19.84 -35.25
N ASN A 464 -7.31 -20.18 -34.17
CA ASN A 464 -6.96 -21.32 -33.34
C ASN A 464 -5.50 -21.33 -32.88
N GLY A 465 -4.95 -20.16 -32.56
CA GLY A 465 -3.61 -20.05 -31.99
C GLY A 465 -2.95 -18.70 -32.22
N LEU A 466 -1.65 -18.63 -31.98
CA LEU A 466 -0.90 -17.38 -32.15
C LEU A 466 -0.22 -17.29 -33.53
N GLU A 467 0.30 -16.09 -33.84
CA GLU A 467 1.11 -15.88 -35.05
C GLU A 467 2.09 -14.72 -34.88
N ASN B 24 0.88 -7.01 -2.63
CA ASN B 24 0.97 -5.57 -3.07
C ASN B 24 0.77 -4.51 -1.96
N VAL B 25 -0.28 -4.62 -1.15
CA VAL B 25 -0.54 -3.66 -0.06
C VAL B 25 0.63 -3.57 0.93
N LYS B 26 0.93 -2.34 1.34
CA LYS B 26 1.99 -2.11 2.30
C LYS B 26 1.32 -1.47 3.50
N LYS B 27 1.09 -2.29 4.52
CA LYS B 27 0.36 -1.85 5.69
C LYS B 27 1.35 -1.49 6.77
N PHE B 28 1.11 -0.35 7.41
CA PHE B 28 2.02 0.12 8.46
C PHE B 28 1.58 -0.47 9.81
N PRO B 29 2.43 -0.35 10.85
CA PRO B 29 2.06 -0.84 12.17
C PRO B 29 0.79 -0.20 12.68
N GLU B 30 0.11 -0.89 13.59
CA GLU B 30 -1.01 -0.30 14.28
C GLU B 30 -0.47 0.82 15.13
N GLY B 31 -1.19 1.94 15.16
CA GLY B 31 -0.76 3.12 15.88
C GLY B 31 0.10 4.08 15.08
N PHE B 32 0.46 3.72 13.85
CA PHE B 32 1.28 4.60 13.01
C PHE B 32 0.64 5.97 12.85
N LEU B 33 1.44 7.02 13.03
CA LEU B 33 0.93 8.39 12.97
C LEU B 33 1.15 9.02 11.59
N TRP B 34 0.06 9.38 10.90
CA TRP B 34 0.19 10.05 9.60
C TRP B 34 -0.09 11.52 9.79
N GLY B 35 0.84 12.39 9.41
CA GLY B 35 0.65 13.81 9.67
C GLY B 35 0.86 14.69 8.48
N VAL B 36 0.53 15.98 8.66
CA VAL B 36 0.99 17.07 7.81
C VAL B 36 1.88 18.02 8.66
N ALA B 37 2.77 18.77 8.02
CA ALA B 37 3.65 19.69 8.77
C ALA B 37 3.63 21.07 8.16
N THR B 38 3.70 22.10 9.01
CA THR B 38 3.85 23.48 8.58
C THR B 38 4.85 24.17 9.54
N ALA B 39 5.13 25.45 9.28
CA ALA B 39 5.95 26.25 10.18
C ALA B 39 5.30 27.63 10.21
N SER B 40 5.34 28.29 11.37
CA SER B 40 4.67 29.55 11.66
C SER B 40 4.90 30.67 10.66
N TYR B 41 6.18 31.00 10.40
CA TYR B 41 6.47 32.11 9.52
C TYR B 41 6.04 31.78 8.09
N GLN B 42 6.03 30.49 7.75
CA GLN B 42 5.76 30.11 6.38
C GLN B 42 4.27 30.23 6.02
N ILE B 43 3.40 30.14 7.01
CA ILE B 43 1.97 30.10 6.74
C ILE B 43 1.15 31.21 7.35
N GLU B 44 1.61 31.74 8.48
CA GLU B 44 0.75 32.58 9.35
C GLU B 44 0.39 33.97 8.84
N GLY B 45 1.39 34.68 8.30
CA GLY B 45 1.23 36.11 8.05
C GLY B 45 0.95 36.86 9.33
N SER B 46 0.52 38.11 9.22
CA SER B 46 0.34 39.00 10.37
C SER B 46 1.45 38.93 11.42
N PRO B 47 2.72 39.10 11.00
CA PRO B 47 3.87 38.91 11.90
C PRO B 47 3.93 39.92 13.06
N LEU B 48 3.37 41.12 12.85
CA LEU B 48 3.42 42.16 13.87
C LEU B 48 2.09 42.35 14.60
N ALA B 49 1.08 41.56 14.21
CA ALA B 49 -0.23 41.61 14.84
C ALA B 49 -0.23 41.29 16.32
N ASP B 50 -1.06 42.00 17.07
CA ASP B 50 -1.46 41.61 18.43
C ASP B 50 -0.29 41.60 19.42
N GLY B 51 0.65 42.51 19.19
CA GLY B 51 1.74 42.74 20.15
C GLY B 51 3.01 41.94 19.88
N ALA B 52 3.03 41.21 18.77
CA ALA B 52 4.14 40.33 18.44
C ALA B 52 5.39 41.14 18.10
N GLY B 53 6.55 40.69 18.59
CA GLY B 53 7.81 41.31 18.19
C GLY B 53 8.23 40.84 16.82
N MET B 54 9.15 41.57 16.21
CA MET B 54 9.67 41.20 14.92
C MET B 54 10.46 39.92 15.10
N SER B 55 10.52 39.10 14.06
CA SER B 55 11.44 37.96 13.98
C SER B 55 12.57 38.32 13.06
N ILE B 56 13.62 37.50 13.07
CA ILE B 56 14.71 37.69 12.11
C ILE B 56 14.27 37.40 10.73
N TRP B 57 13.17 36.69 10.55
CA TRP B 57 12.74 36.44 9.18
C TRP B 57 11.95 37.64 8.61
N HIS B 58 11.20 38.32 9.46
CA HIS B 58 10.58 39.61 9.04
C HIS B 58 11.67 40.59 8.54
N THR B 59 12.70 40.80 9.35
CA THR B 59 13.71 41.77 8.95
C THR B 59 14.56 41.30 7.78
N PHE B 60 14.88 40.00 7.75
CA PHE B 60 15.65 39.41 6.63
C PHE B 60 14.90 39.48 5.27
N SER B 61 13.62 39.08 5.23
CA SER B 61 12.84 39.14 3.99
C SER B 61 12.50 40.57 3.57
N HIS B 62 12.45 41.49 4.54
CA HIS B 62 12.23 42.93 4.30
C HIS B 62 13.50 43.72 3.91
N THR B 63 14.62 42.99 3.80
CA THR B 63 15.88 43.47 3.26
C THR B 63 15.90 43.10 1.78
N PRO B 64 15.98 44.11 0.88
CA PRO B 64 16.07 43.86 -0.55
C PRO B 64 17.18 42.90 -0.92
N GLY B 65 16.87 41.92 -1.76
CA GLY B 65 17.92 41.03 -2.28
C GLY B 65 18.03 39.69 -1.59
N ASN B 66 17.29 39.50 -0.50
CA ASN B 66 17.44 38.29 0.30
C ASN B 66 16.50 37.16 -0.14
N VAL B 67 15.30 37.55 -0.61
CA VAL B 67 14.27 36.56 -1.04
C VAL B 67 13.82 36.84 -2.50
N LYS B 68 13.66 35.78 -3.30
CA LYS B 68 13.17 35.92 -4.69
C LYS B 68 11.94 36.82 -4.77
N ASN B 69 11.94 37.74 -5.73
CA ASN B 69 10.77 38.61 -6.00
C ASN B 69 10.41 39.49 -4.82
N GLY B 70 11.36 39.70 -3.91
CA GLY B 70 11.07 40.45 -2.68
C GLY B 70 9.91 39.94 -1.83
N ASP B 71 9.64 38.64 -1.86
CA ASP B 71 8.53 38.08 -1.11
C ASP B 71 8.79 38.20 0.35
N THR B 72 7.73 38.33 1.14
CA THR B 72 7.86 38.35 2.59
C THR B 72 6.79 37.45 3.20
N GLY B 73 6.83 37.27 4.54
CA GLY B 73 5.80 36.50 5.22
C GLY B 73 4.75 37.39 5.85
N ASP B 74 4.61 38.61 5.32
CA ASP B 74 3.62 39.58 5.82
CA ASP B 74 3.61 39.58 5.81
C ASP B 74 2.21 39.01 5.74
N VAL B 75 1.91 38.33 4.64
CA VAL B 75 0.58 37.72 4.41
C VAL B 75 0.66 36.21 4.34
N ALA B 76 1.53 35.69 3.48
CA ALA B 76 1.64 34.24 3.32
C ALA B 76 0.25 33.65 3.07
N CYS B 77 -0.15 32.67 3.89
CA CYS B 77 -1.41 31.95 3.70
C CYS B 77 -2.47 32.53 4.59
N ASP B 78 -2.16 33.62 5.28
CA ASP B 78 -3.09 34.25 6.24
C ASP B 78 -3.69 33.23 7.21
N HIS B 79 -2.88 32.24 7.60
CA HIS B 79 -3.31 31.23 8.54
C HIS B 79 -3.52 31.81 9.91
N TYR B 80 -2.93 32.98 10.18
CA TYR B 80 -3.25 33.68 11.41
C TYR B 80 -4.76 33.95 11.54
N ASN B 81 -5.42 34.14 10.40
CA ASN B 81 -6.88 34.34 10.40
C ASN B 81 -7.68 33.10 9.96
N ARG B 82 -7.09 32.31 9.06
CA ARG B 82 -7.77 31.20 8.38
C ARG B 82 -7.45 29.85 8.98
N TRP B 83 -7.01 29.87 10.23
CA TRP B 83 -6.57 28.66 10.92
C TRP B 83 -7.69 27.64 11.12
N LYS B 84 -8.94 28.09 11.25
CA LYS B 84 -10.04 27.13 11.50
C LYS B 84 -10.31 26.30 10.25
N GLU B 85 -10.43 26.96 9.11
CA GLU B 85 -10.56 26.25 7.84
C GLU B 85 -9.43 25.23 7.64
N ASP B 86 -8.19 25.68 7.89
CA ASP B 86 -7.00 24.85 7.67
C ASP B 86 -7.02 23.58 8.52
N ILE B 87 -7.44 23.70 9.76
CA ILE B 87 -7.61 22.54 10.63
C ILE B 87 -8.74 21.66 10.06
N GLU B 88 -9.88 22.29 9.74
CA GLU B 88 -11.01 21.57 9.13
C GLU B 88 -10.63 20.78 7.89
N ILE B 89 -9.70 21.29 7.08
CA ILE B 89 -9.15 20.52 5.95
C ILE B 89 -8.40 19.28 6.42
N ILE B 90 -7.61 19.43 7.49
CA ILE B 90 -6.83 18.32 8.03
C ILE B 90 -7.80 17.20 8.34
N GLU B 91 -8.81 17.53 9.13
CA GLU B 91 -9.79 16.56 9.62
C GLU B 91 -10.61 15.99 8.47
N LYS B 92 -11.14 16.89 7.62
CA LYS B 92 -11.69 16.53 6.31
C LYS B 92 -10.92 15.44 5.57
N LEU B 93 -9.59 15.47 5.68
CA LEU B 93 -8.75 14.48 5.00
C LEU B 93 -8.41 13.31 5.92
N GLY B 94 -8.79 13.42 7.19
CA GLY B 94 -8.59 12.31 8.15
C GLY B 94 -7.15 12.12 8.60
N VAL B 95 -6.30 13.13 8.34
CA VAL B 95 -4.94 13.12 8.84
C VAL B 95 -5.02 13.21 10.37
N LYS B 96 -4.25 12.39 11.06
CA LYS B 96 -4.36 12.21 12.52
C LYS B 96 -3.44 13.13 13.33
N ALA B 97 -2.43 13.72 12.67
CA ALA B 97 -1.48 14.58 13.39
C ALA B 97 -1.10 15.80 12.59
N TYR B 98 -0.80 16.85 13.34
CA TYR B 98 -0.39 18.11 12.76
C TYR B 98 0.89 18.56 13.46
N ARG B 99 1.96 18.61 12.69
CA ARG B 99 3.18 19.20 13.20
C ARG B 99 3.16 20.67 12.78
N PHE B 100 3.18 21.57 13.77
CA PHE B 100 3.25 23.01 13.52
C PHE B 100 4.24 23.69 14.46
N SER B 101 4.68 24.89 14.10
CA SER B 101 5.62 25.59 14.98
C SER B 101 5.00 26.81 15.60
N ILE B 102 5.60 27.22 16.71
CA ILE B 102 5.17 28.37 17.45
C ILE B 102 6.19 29.50 17.21
N SER B 103 5.68 30.70 16.92
CA SER B 103 6.50 31.85 16.63
C SER B 103 6.96 32.42 17.97
N TRP B 104 8.23 32.17 18.33
CA TRP B 104 8.81 32.77 19.54
C TRP B 104 8.43 34.25 19.80
N PRO B 105 8.65 35.15 18.82
CA PRO B 105 8.30 36.54 19.12
C PRO B 105 6.79 36.88 19.22
N ARG B 106 5.89 35.94 18.89
CA ARG B 106 4.46 36.15 19.24
C ARG B 106 4.24 35.95 20.75
N ILE B 107 5.03 35.06 21.35
CA ILE B 107 4.89 34.68 22.76
C ILE B 107 5.71 35.62 23.66
N LEU B 108 6.93 35.92 23.22
CA LEU B 108 7.79 36.79 23.97
C LEU B 108 8.37 37.75 22.98
N PRO B 109 7.71 38.91 22.82
CA PRO B 109 8.05 39.87 21.80
C PRO B 109 9.49 40.37 21.92
N GLU B 110 10.01 40.47 23.14
CA GLU B 110 11.39 40.90 23.37
CA GLU B 110 11.39 40.90 23.38
C GLU B 110 12.32 39.68 23.53
N GLY B 111 11.81 38.50 23.18
CA GLY B 111 12.59 37.26 23.30
C GLY B 111 12.61 36.68 24.71
N THR B 112 12.76 37.52 25.74
CA THR B 112 12.67 37.11 27.13
C THR B 112 11.72 38.08 27.86
N GLY B 113 11.33 37.73 29.08
CA GLY B 113 10.57 38.63 29.96
C GLY B 113 9.07 38.57 29.79
N ARG B 114 8.50 39.66 29.27
CA ARG B 114 7.05 39.81 29.17
C ARG B 114 6.38 38.84 28.22
N VAL B 115 5.41 38.08 28.74
CA VAL B 115 4.61 37.16 27.89
C VAL B 115 3.47 37.90 27.17
N ASN B 116 3.23 37.56 25.90
CA ASN B 116 2.16 38.19 25.16
C ASN B 116 0.93 37.26 25.14
N GLN B 117 -0.10 37.62 25.91
CA GLN B 117 -1.30 36.80 26.09
C GLN B 117 -2.02 36.54 24.77
N LYS B 118 -2.10 37.56 23.92
CA LYS B 118 -2.68 37.37 22.60
C LYS B 118 -1.94 36.27 21.83
N GLY B 119 -0.65 36.09 22.13
CA GLY B 119 0.15 35.07 21.45
C GLY B 119 -0.21 33.71 21.97
N LEU B 120 -0.29 33.57 23.29
CA LEU B 120 -0.80 32.34 23.91
C LEU B 120 -2.23 32.01 23.42
N ASP B 121 -3.10 33.02 23.35
CA ASP B 121 -4.45 32.86 22.81
C ASP B 121 -4.42 32.18 21.45
N PHE B 122 -3.59 32.67 20.54
CA PHE B 122 -3.59 32.19 19.15
C PHE B 122 -3.35 30.72 19.10
N TYR B 123 -2.36 30.25 19.87
CA TYR B 123 -1.98 28.85 19.78
C TYR B 123 -2.91 27.93 20.59
N ASN B 124 -3.38 28.37 21.75
CA ASN B 124 -4.35 27.58 22.54
C ASN B 124 -5.58 27.23 21.68
N ARG B 125 -6.18 28.23 21.05
CA ARG B 125 -7.31 27.97 20.13
C ARG B 125 -7.00 26.91 19.07
N ILE B 126 -5.79 26.93 18.51
CA ILE B 126 -5.36 25.91 17.54
C ILE B 126 -5.24 24.54 18.24
N ILE B 127 -4.59 24.53 19.40
CA ILE B 127 -4.40 23.30 20.17
C ILE B 127 -5.75 22.64 20.48
N ASP B 128 -6.62 23.40 21.14
CA ASP B 128 -7.99 22.97 21.44
C ASP B 128 -8.73 22.41 20.21
N THR B 129 -8.81 23.20 19.15
CA THR B 129 -9.51 22.77 17.94
C THR B 129 -8.99 21.40 17.45
N LEU B 130 -7.67 21.20 17.50
CA LEU B 130 -7.06 19.93 17.05
C LEU B 130 -7.46 18.76 17.98
N LEU B 131 -7.43 19.00 19.28
CA LEU B 131 -7.78 18.01 20.29
C LEU B 131 -9.25 17.59 20.13
N GLU B 132 -10.11 18.59 19.90
CA GLU B 132 -11.54 18.41 19.77
C GLU B 132 -11.85 17.57 18.53
N LYS B 133 -11.03 17.72 17.49
CA LYS B 133 -11.24 17.01 16.24
C LYS B 133 -10.43 15.72 16.14
N GLY B 134 -9.81 15.34 17.26
CA GLY B 134 -9.04 14.11 17.34
C GLY B 134 -7.73 14.11 16.54
N ILE B 135 -7.18 15.30 16.30
CA ILE B 135 -5.87 15.45 15.62
C ILE B 135 -4.78 15.70 16.67
N THR B 136 -3.71 14.92 16.61
CA THR B 136 -2.63 14.98 17.60
C THR B 136 -1.62 16.10 17.25
N PRO B 137 -1.44 17.07 18.16
CA PRO B 137 -0.46 18.13 17.86
C PRO B 137 1.00 17.73 18.13
N PHE B 138 1.86 17.89 17.13
CA PHE B 138 3.32 17.86 17.35
C PHE B 138 3.82 19.29 17.21
N VAL B 139 4.28 19.90 18.30
CA VAL B 139 4.71 21.32 18.27
C VAL B 139 6.21 21.47 18.15
N THR B 140 6.62 22.17 17.10
CA THR B 140 8.02 22.61 16.93
C THR B 140 8.17 23.93 17.66
N ILE B 141 8.96 23.89 18.71
CA ILE B 141 9.23 25.07 19.50
C ILE B 141 9.95 26.14 18.63
N TYR B 142 10.99 25.73 17.91
CA TYR B 142 11.78 26.65 17.07
C TYR B 142 11.88 26.25 15.63
N HIS B 143 11.19 26.97 14.75
CA HIS B 143 11.33 26.66 13.34
C HIS B 143 11.80 27.93 12.62
N TRP B 144 12.83 28.59 13.22
CA TRP B 144 13.68 29.58 12.54
C TRP B 144 13.35 31.06 12.73
N ASP B 145 12.19 31.35 13.29
CA ASP B 145 11.81 32.75 13.49
C ASP B 145 12.25 33.28 14.84
N LEU B 146 13.56 33.38 15.02
CA LEU B 146 14.11 33.94 16.25
C LEU B 146 13.58 35.35 16.43
N PRO B 147 13.26 35.77 17.67
CA PRO B 147 12.93 37.17 17.93
C PRO B 147 14.08 38.08 17.50
N PHE B 148 13.73 39.13 16.77
CA PHE B 148 14.73 40.10 16.36
C PHE B 148 15.54 40.65 17.55
N ALA B 149 14.87 40.88 18.68
CA ALA B 149 15.50 41.42 19.90
C ALA B 149 16.68 40.59 20.36
N LEU B 150 16.59 39.28 20.13
CA LEU B 150 17.66 38.39 20.54
C LEU B 150 18.77 38.35 19.50
N GLN B 151 18.43 38.56 18.23
CA GLN B 151 19.45 38.69 17.21
C GLN B 151 20.35 39.91 17.49
N LEU B 152 19.76 41.01 17.96
CA LEU B 152 20.54 42.19 18.35
C LEU B 152 21.56 41.87 19.42
N LYS B 153 21.30 40.83 20.21
CA LYS B 153 22.23 40.32 21.23
C LYS B 153 23.04 39.10 20.77
N GLY B 154 23.09 38.87 19.45
CA GLY B 154 23.95 37.85 18.83
C GLY B 154 23.22 36.55 18.51
N GLY B 155 21.97 36.45 18.96
CA GLY B 155 21.11 35.30 18.61
C GLY B 155 21.84 34.01 18.94
N TRP B 156 21.93 33.09 17.97
CA TRP B 156 22.49 31.74 18.23
C TRP B 156 23.99 31.73 18.46
N ALA B 157 24.62 32.84 18.14
CA ALA B 157 26.05 33.04 18.41
C ALA B 157 26.32 33.27 19.91
N ASN B 158 25.29 33.69 20.66
CA ASN B 158 25.50 34.06 22.07
C ASN B 158 25.20 32.89 22.98
N ARG B 159 26.18 32.49 23.82
CA ARG B 159 25.97 31.36 24.75
C ARG B 159 24.73 31.53 25.59
N GLU B 160 24.36 32.78 25.86
CA GLU B 160 23.17 33.11 26.66
CA GLU B 160 23.20 33.05 26.68
C GLU B 160 21.89 32.59 26.03
N ILE B 161 21.91 32.30 24.74
CA ILE B 161 20.68 31.81 24.10
C ILE B 161 20.16 30.51 24.76
N ALA B 162 21.04 29.75 25.40
CA ALA B 162 20.58 28.52 26.05
C ALA B 162 19.63 28.88 27.19
N ASP B 163 19.89 29.99 27.89
CA ASP B 163 18.96 30.54 28.92
CA ASP B 163 18.98 30.51 28.93
C ASP B 163 17.70 31.07 28.31
N TRP B 164 17.84 31.89 27.26
CA TRP B 164 16.67 32.48 26.61
C TRP B 164 15.77 31.37 26.09
N PHE B 165 16.35 30.33 25.51
CA PHE B 165 15.58 29.25 24.91
C PHE B 165 14.85 28.39 25.95
N ALA B 166 15.53 28.11 27.05
CA ALA B 166 14.97 27.43 28.20
C ALA B 166 13.81 28.21 28.75
N GLU B 167 13.95 29.53 28.86
CA GLU B 167 12.90 30.33 29.46
C GLU B 167 11.67 30.34 28.57
N TYR B 168 11.89 30.50 27.26
CA TYR B 168 10.86 30.37 26.25
C TYR B 168 10.15 29.00 26.27
N SER B 169 10.93 27.92 26.16
CA SER B 169 10.39 26.55 26.21
CA SER B 169 10.34 26.58 26.19
C SER B 169 9.52 26.35 27.46
N ARG B 170 10.03 26.80 28.60
CA ARG B 170 9.28 26.72 29.86
C ARG B 170 7.89 27.35 29.73
N VAL B 171 7.82 28.55 29.15
CA VAL B 171 6.56 29.21 29.02
C VAL B 171 5.60 28.33 28.19
N LEU B 172 6.11 27.78 27.09
CA LEU B 172 5.29 26.93 26.21
C LEU B 172 4.84 25.65 26.93
N PHE B 173 5.76 25.04 27.68
CA PHE B 173 5.43 23.81 28.39
C PHE B 173 4.37 24.11 29.45
N GLU B 174 4.56 25.21 30.16
CA GLU B 174 3.68 25.56 31.27
C GLU B 174 2.29 25.94 30.75
N ASN B 175 2.22 26.43 29.52
CA ASN B 175 0.98 26.91 28.94
C ASN B 175 0.27 25.91 28.05
N PHE B 176 1.03 25.07 27.36
CA PHE B 176 0.44 24.16 26.41
C PHE B 176 0.59 22.70 26.78
N GLY B 177 1.45 22.42 27.76
CA GLY B 177 1.91 21.04 28.00
C GLY B 177 0.88 20.11 28.60
N ASP B 178 -0.18 20.73 29.14
CA ASP B 178 -1.32 20.01 29.69
C ASP B 178 -2.07 19.28 28.55
N ARG B 179 -1.98 19.82 27.35
CA ARG B 179 -2.67 19.28 26.18
C ARG B 179 -1.72 18.82 25.05
N VAL B 180 -0.62 19.52 24.85
CA VAL B 180 0.38 19.01 23.89
C VAL B 180 1.39 18.12 24.61
N LYS B 181 1.60 16.92 24.06
CA LYS B 181 2.43 15.92 24.72
C LYS B 181 3.54 15.48 23.79
N ASN B 182 3.54 16.04 22.59
CA ASN B 182 4.57 15.72 21.60
C ASN B 182 5.30 17.00 21.14
N TRP B 183 6.59 17.08 21.46
CA TRP B 183 7.34 18.34 21.37
C TRP B 183 8.65 18.13 20.64
N ILE B 184 9.07 19.17 19.91
CA ILE B 184 10.30 19.15 19.15
C ILE B 184 11.02 20.44 19.50
N THR B 185 12.28 20.35 19.93
CA THR B 185 13.03 21.56 20.33
C THR B 185 13.36 22.41 19.11
N LEU B 186 14.11 21.83 18.20
CA LEU B 186 14.64 22.54 17.06
C LEU B 186 14.27 21.84 15.78
N ASN B 187 13.84 22.63 14.81
CA ASN B 187 13.88 22.20 13.41
C ASN B 187 15.23 22.45 12.72
N GLU B 188 15.96 21.37 12.43
CA GLU B 188 17.11 21.41 11.54
C GLU B 188 18.17 22.43 11.99
N PRO B 189 18.78 22.20 13.18
CA PRO B 189 19.82 23.12 13.64
C PRO B 189 20.99 23.25 12.64
N TRP B 190 21.23 22.22 11.82
CA TRP B 190 22.26 22.37 10.79
C TRP B 190 21.92 23.59 9.92
N VAL B 191 20.66 23.68 9.52
CA VAL B 191 20.23 24.74 8.61
C VAL B 191 20.35 26.08 9.33
N VAL B 192 19.83 26.12 10.56
CA VAL B 192 19.84 27.34 11.38
C VAL B 192 21.27 27.89 11.43
N ALA B 193 22.21 27.00 11.80
CA ALA B 193 23.59 27.37 11.96
C ALA B 193 24.28 27.66 10.62
N ILE B 194 24.31 26.67 9.73
CA ILE B 194 25.14 26.78 8.55
C ILE B 194 24.51 27.65 7.44
N VAL B 195 23.23 27.44 7.17
CA VAL B 195 22.60 28.24 6.13
C VAL B 195 22.37 29.67 6.60
N GLY B 196 22.08 29.85 7.87
CA GLY B 196 21.80 31.17 8.43
C GLY B 196 23.04 31.98 8.73
N HIS B 197 24.16 31.29 9.04
CA HIS B 197 25.37 31.96 9.55
C HIS B 197 26.66 31.63 8.77
N LEU B 198 26.67 30.61 7.92
CA LEU B 198 27.82 30.42 7.01
C LEU B 198 27.53 30.84 5.56
N TYR B 199 26.44 30.33 5.01
CA TYR B 199 26.05 30.63 3.62
C TYR B 199 25.37 32.00 3.46
N GLY B 200 24.80 32.51 4.54
CA GLY B 200 24.07 33.80 4.52
C GLY B 200 22.77 33.84 3.72
N VAL B 201 22.23 32.66 3.39
CA VAL B 201 21.03 32.50 2.53
C VAL B 201 19.76 32.58 3.33
N HIS B 202 19.84 32.19 4.61
CA HIS B 202 18.73 32.31 5.54
C HIS B 202 19.09 33.33 6.63
N ALA B 203 18.07 33.89 7.27
CA ALA B 203 18.26 34.78 8.40
C ALA B 203 19.09 34.08 9.50
N PRO B 204 20.00 34.84 10.18
CA PRO B 204 20.18 36.30 10.03
C PRO B 204 21.10 36.73 8.88
N GLY B 205 21.46 35.82 7.97
CA GLY B 205 22.14 36.21 6.75
C GLY B 205 23.60 36.57 6.91
N MET B 206 24.30 35.82 7.76
CA MET B 206 25.72 36.03 8.03
CA MET B 206 25.72 36.04 8.01
C MET B 206 26.57 35.02 7.28
N ARG B 207 27.84 35.37 7.04
CA ARG B 207 28.80 34.47 6.46
CA ARG B 207 28.80 34.46 6.46
C ARG B 207 30.07 34.50 7.31
N ASP B 208 30.08 33.71 8.38
CA ASP B 208 31.24 33.59 9.26
C ASP B 208 31.28 32.17 9.84
N ILE B 209 32.38 31.45 9.59
CA ILE B 209 32.42 30.02 9.87
C ILE B 209 32.64 29.80 11.35
N TYR B 210 33.25 30.78 12.00
CA TYR B 210 33.42 30.72 13.43
C TYR B 210 32.10 30.93 14.12
N VAL B 211 31.35 31.92 13.65
CA VAL B 211 30.02 32.13 14.20
C VAL B 211 29.10 30.91 13.95
N ALA B 212 29.14 30.37 12.73
CA ALA B 212 28.32 29.23 12.33
C ALA B 212 28.55 28.04 13.27
N PHE B 213 29.81 27.75 13.61
CA PHE B 213 30.06 26.61 14.52
C PHE B 213 29.72 26.88 15.99
N ARG B 214 29.86 28.13 16.44
CA ARG B 214 29.33 28.47 17.76
C ARG B 214 27.82 28.35 17.81
N ALA B 215 27.15 28.73 16.72
CA ALA B 215 25.69 28.45 16.61
C ALA B 215 25.36 26.95 16.70
N VAL B 216 26.12 26.10 15.99
CA VAL B 216 25.94 24.61 16.13
C VAL B 216 25.95 24.21 17.60
N HIS B 217 26.98 24.65 18.29
CA HIS B 217 27.18 24.28 19.67
C HIS B 217 26.12 24.87 20.61
N ASN B 218 25.77 26.14 20.41
CA ASN B 218 24.73 26.74 21.25
C ASN B 218 23.33 26.19 21.02
N LEU B 219 23.05 25.79 19.77
CA LEU B 219 21.80 25.08 19.45
C LEU B 219 21.65 23.82 20.27
N LEU B 220 22.70 23.03 20.39
CA LEU B 220 22.72 21.79 21.18
C LEU B 220 22.57 22.07 22.67
N ARG B 221 23.28 23.08 23.15
CA ARG B 221 23.16 23.52 24.54
C ARG B 221 21.73 23.96 24.85
N ALA B 222 21.14 24.75 23.94
CA ALA B 222 19.77 25.27 24.13
C ALA B 222 18.74 24.14 24.11
N HIS B 223 18.89 23.25 23.13
CA HIS B 223 18.09 22.05 23.04
C HIS B 223 18.10 21.25 24.36
N ALA B 224 19.28 21.03 24.89
CA ALA B 224 19.43 20.21 26.07
C ALA B 224 18.80 20.84 27.30
N ARG B 225 18.99 22.14 27.45
CA ARG B 225 18.33 22.94 28.48
C ARG B 225 16.80 22.86 28.39
N ALA B 226 16.25 22.93 27.18
CA ALA B 226 14.80 22.80 27.00
C ALA B 226 14.30 21.40 27.40
N VAL B 227 15.06 20.36 27.07
CA VAL B 227 14.62 18.99 27.40
C VAL B 227 14.58 18.90 28.92
N LYS B 228 15.64 19.36 29.59
CA LYS B 228 15.71 19.39 31.05
C LYS B 228 14.55 20.11 31.73
N VAL B 229 14.12 21.25 31.19
CA VAL B 229 12.93 21.95 31.74
C VAL B 229 11.69 21.11 31.44
N PHE B 230 11.72 20.37 30.34
CA PHE B 230 10.53 19.64 29.90
C PHE B 230 10.27 18.50 30.88
N ARG B 231 11.34 17.90 31.38
CA ARG B 231 11.20 16.78 32.33
C ARG B 231 10.57 17.29 33.60
N GLU B 232 10.72 18.60 33.83
CA GLU B 232 10.21 19.26 35.03
C GLU B 232 8.74 19.72 34.93
N THR B 233 8.22 19.88 33.70
CA THR B 233 6.99 20.65 33.50
C THR B 233 5.88 19.90 32.74
N VAL B 234 6.25 18.88 31.98
CA VAL B 234 5.22 18.14 31.24
C VAL B 234 5.28 16.68 31.65
N LYS B 235 4.12 16.20 32.13
CA LYS B 235 3.93 14.80 32.52
C LYS B 235 3.39 13.99 31.34
N ASP B 236 3.99 12.82 31.14
CA ASP B 236 3.56 11.95 30.07
C ASP B 236 3.79 12.61 28.71
N GLY B 237 4.81 13.47 28.65
CA GLY B 237 5.21 14.07 27.39
C GLY B 237 6.40 13.35 26.74
N LYS B 238 6.50 13.49 25.41
CA LYS B 238 7.65 13.01 24.64
C LYS B 238 8.32 14.22 23.99
N ILE B 239 9.64 14.29 24.09
CA ILE B 239 10.39 15.40 23.44
C ILE B 239 11.51 14.87 22.56
N GLY B 240 11.69 15.50 21.40
CA GLY B 240 12.73 15.14 20.47
C GLY B 240 13.26 16.37 19.73
N ILE B 241 13.92 16.11 18.61
CA ILE B 241 14.65 17.11 17.86
C ILE B 241 14.71 16.63 16.42
N VAL B 242 14.71 17.58 15.48
CA VAL B 242 14.56 17.30 14.05
C VAL B 242 15.79 17.69 13.26
N PHE B 243 16.27 16.75 12.44
CA PHE B 243 17.42 16.97 11.60
C PHE B 243 17.11 16.81 10.14
N ASN B 244 17.65 17.70 9.32
CA ASN B 244 17.65 17.53 7.88
C ASN B 244 18.66 16.46 7.52
N ASN B 245 18.35 15.74 6.46
CA ASN B 245 19.22 14.65 5.99
C ASN B 245 19.10 14.54 4.48
N GLY B 246 20.23 14.28 3.84
CA GLY B 246 20.28 13.93 2.43
C GLY B 246 20.99 12.59 2.29
N TYR B 247 20.68 11.89 1.21
CA TYR B 247 21.34 10.65 0.89
C TYR B 247 22.47 10.99 -0.04
N PHE B 248 23.69 10.86 0.46
CA PHE B 248 24.89 11.11 -0.30
C PHE B 248 25.46 9.80 -0.82
N GLU B 249 25.71 9.74 -2.13
CA GLU B 249 26.36 8.58 -2.75
C GLU B 249 27.67 9.03 -3.39
N PRO B 250 28.67 8.13 -3.45
CA PRO B 250 29.93 8.56 -4.05
C PRO B 250 29.81 8.67 -5.59
N ALA B 251 30.58 9.57 -6.19
CA ALA B 251 30.52 9.76 -7.65
C ALA B 251 31.21 8.58 -8.33
N SER B 252 32.21 8.03 -7.66
CA SER B 252 32.97 6.90 -8.15
C SER B 252 33.28 5.98 -6.99
N GLU B 253 34.15 5.00 -7.21
CA GLU B 253 34.61 4.12 -6.14
C GLU B 253 36.02 4.48 -5.70
N LYS B 254 36.51 5.65 -6.11
CA LYS B 254 37.78 6.15 -5.58
C LYS B 254 37.56 6.30 -4.08
N GLU B 255 38.54 5.87 -3.27
CA GLU B 255 38.36 5.88 -1.83
C GLU B 255 37.97 7.27 -1.34
N GLU B 256 38.66 8.29 -1.88
CA GLU B 256 38.43 9.68 -1.51
C GLU B 256 36.99 10.14 -1.74
N ASP B 257 36.33 9.62 -2.77
CA ASP B 257 34.91 9.89 -2.97
C ASP B 257 34.05 9.23 -1.89
N ILE B 258 34.38 7.99 -1.52
CA ILE B 258 33.63 7.27 -0.47
C ILE B 258 33.78 7.99 0.86
N ARG B 259 35.01 8.42 1.17
CA ARG B 259 35.28 9.21 2.37
C ARG B 259 34.63 10.60 2.36
N ALA B 260 34.46 11.16 1.17
CA ALA B 260 33.73 12.41 0.98
C ALA B 260 32.28 12.22 1.39
N VAL B 261 31.70 11.09 1.01
CA VAL B 261 30.36 10.77 1.47
C VAL B 261 30.29 10.69 3.01
N ARG B 262 31.30 10.06 3.61
CA ARG B 262 31.33 9.86 5.06
CA ARG B 262 31.36 9.85 5.07
C ARG B 262 31.36 11.21 5.77
N PHE B 263 32.13 12.14 5.20
CA PHE B 263 32.18 13.50 5.72
C PHE B 263 30.83 14.19 5.58
N MET B 264 30.16 14.02 4.45
CA MET B 264 28.87 14.69 4.23
C MET B 264 27.75 14.20 5.13
N HIS B 265 27.73 12.90 5.37
CA HIS B 265 26.78 12.32 6.32
C HIS B 265 27.08 12.88 7.73
N GLN B 266 28.33 12.79 8.19
CA GLN B 266 28.63 13.27 9.53
C GLN B 266 28.34 14.79 9.74
N PHE B 267 28.51 15.60 8.71
CA PHE B 267 28.35 17.07 8.85
C PHE B 267 26.94 17.57 8.51
N ASN B 268 26.41 17.11 7.39
CA ASN B 268 25.12 17.56 6.88
CA ASN B 268 25.12 17.57 6.92
C ASN B 268 23.94 16.81 7.49
N ASN B 269 24.18 15.59 7.97
CA ASN B 269 23.08 14.78 8.51
C ASN B 269 23.06 14.73 10.06
N TYR B 270 22.13 13.93 10.61
CA TYR B 270 21.97 13.77 12.06
C TYR B 270 23.23 13.53 12.91
N PRO B 271 24.30 12.86 12.38
CA PRO B 271 25.39 12.64 13.33
C PRO B 271 25.98 13.94 13.90
N LEU B 272 25.92 15.05 13.15
CA LEU B 272 26.48 16.30 13.71
C LEU B 272 25.94 16.60 15.12
N PHE B 273 24.67 16.24 15.37
CA PHE B 273 24.01 16.54 16.60
C PHE B 273 23.83 15.32 17.48
N LEU B 274 23.71 14.16 16.83
CA LEU B 274 23.46 12.92 17.58
C LEU B 274 24.72 12.32 18.16
N ASN B 275 25.85 12.54 17.52
CA ASN B 275 27.11 12.12 18.16
C ASN B 275 27.32 12.85 19.48
N PRO B 276 27.15 14.20 19.49
CA PRO B 276 27.02 14.89 20.78
C PRO B 276 25.98 14.32 21.74
N ILE B 277 24.71 14.22 21.31
CA ILE B 277 23.61 13.87 22.23
C ILE B 277 23.76 12.44 22.83
N TYR B 278 24.22 11.50 21.99
CA TYR B 278 24.43 10.09 22.37
C TYR B 278 25.83 9.63 22.76
N ARG B 279 26.89 10.30 22.28
CA ARG B 279 28.28 9.86 22.53
C ARG B 279 29.16 10.92 23.20
N GLY B 280 28.65 12.15 23.32
CA GLY B 280 29.36 13.20 24.07
C GLY B 280 30.49 13.87 23.33
N ASP B 281 30.47 13.81 22.00
CA ASP B 281 31.39 14.63 21.17
C ASP B 281 30.86 14.78 19.73
N TYR B 282 31.39 15.72 18.96
CA TYR B 282 31.05 15.82 17.54
C TYR B 282 31.68 14.63 16.79
N PRO B 283 31.19 14.29 15.58
CA PRO B 283 31.77 13.18 14.82
C PRO B 283 33.21 13.45 14.44
N GLU B 284 33.98 12.36 14.35
CA GLU B 284 35.41 12.36 14.02
CA GLU B 284 35.41 12.42 14.07
C GLU B 284 35.80 13.30 12.87
N LEU B 285 35.12 13.16 11.76
CA LEU B 285 35.51 13.92 10.55
C LEU B 285 35.06 15.37 10.62
N VAL B 286 33.99 15.63 11.35
CA VAL B 286 33.61 17.01 11.63
C VAL B 286 34.70 17.69 12.47
N LEU B 287 35.18 17.01 13.49
CA LEU B 287 36.29 17.54 14.28
C LEU B 287 37.55 17.82 13.46
N GLU B 288 37.92 16.89 12.56
CA GLU B 288 39.04 17.14 11.64
C GLU B 288 38.85 18.43 10.84
N PHE B 289 37.62 18.68 10.43
CA PHE B 289 37.30 19.85 9.58
C PHE B 289 37.21 21.12 10.38
N ALA B 290 36.57 21.04 11.54
CA ALA B 290 35.98 22.23 12.16
C ALA B 290 36.40 22.51 13.60
N ARG B 291 37.36 21.75 14.12
CA ARG B 291 37.75 21.93 15.51
C ARG B 291 38.20 23.37 15.78
N GLU B 292 38.92 23.97 14.84
CA GLU B 292 39.39 25.37 15.04
C GLU B 292 38.25 26.39 15.12
N TYR B 293 37.06 26.03 14.61
CA TYR B 293 35.88 26.94 14.59
C TYR B 293 34.97 26.78 15.78
N LEU B 294 35.11 25.66 16.51
CA LEU B 294 34.32 25.39 17.71
C LEU B 294 34.81 26.17 18.93
N PRO B 295 33.92 26.49 19.89
CA PRO B 295 34.47 27.20 21.05
C PRO B 295 35.58 26.42 21.77
N GLU B 296 36.59 27.08 22.33
N GLU B 296 36.47 27.21 22.35
CA GLU B 296 37.81 26.37 22.78
CA GLU B 296 37.38 26.82 23.37
C GLU B 296 37.58 25.16 23.70
C GLU B 296 36.60 26.19 24.50
N ASN B 297 36.71 25.36 24.68
N ASN B 297 37.01 24.96 24.83
CA ASN B 297 36.46 24.37 25.70
CA ASN B 297 36.37 24.26 25.91
C ASN B 297 35.07 23.76 25.53
C ASN B 297 34.94 23.86 25.54
N TYR B 298 34.66 23.63 24.25
CA TYR B 298 33.31 23.18 23.86
C TYR B 298 32.94 21.87 24.58
N LYS B 299 33.93 21.00 24.82
CA LYS B 299 33.65 19.67 25.36
C LYS B 299 33.17 19.70 26.81
N ASP B 300 33.46 20.78 27.53
CA ASP B 300 32.89 20.98 28.88
C ASP B 300 31.37 20.91 28.87
N ASP B 301 30.75 21.28 27.76
CA ASP B 301 29.30 21.37 27.68
C ASP B 301 28.64 20.04 27.35
N MET B 302 29.45 19.08 26.94
CA MET B 302 28.94 17.83 26.34
C MET B 302 28.16 16.94 27.32
N SER B 303 28.56 16.92 28.60
CA SER B 303 27.82 16.13 29.58
C SER B 303 26.39 16.67 29.80
N GLU B 304 26.20 17.98 29.68
CA GLU B 304 24.83 18.50 29.70
C GLU B 304 24.07 18.31 28.39
N ILE B 305 24.79 18.31 27.28
CA ILE B 305 24.18 18.11 25.97
C ILE B 305 23.57 16.72 25.83
N GLN B 306 24.07 15.77 26.61
CA GLN B 306 23.63 14.36 26.53
C GLN B 306 22.32 14.09 27.22
N GLU B 307 21.65 15.14 27.67
CA GLU B 307 20.30 15.06 28.17
C GLU B 307 19.42 14.11 27.31
N LYS B 308 18.76 13.16 27.95
CA LYS B 308 18.07 12.06 27.23
C LYS B 308 16.83 12.53 26.48
N ILE B 309 16.72 12.14 25.21
CA ILE B 309 15.57 12.46 24.36
C ILE B 309 14.67 11.24 24.13
N ASP B 310 13.43 11.48 23.72
CA ASP B 310 12.45 10.40 23.52
C ASP B 310 12.38 9.96 22.07
N PHE B 311 12.67 10.86 21.15
CA PHE B 311 12.60 10.53 19.72
C PHE B 311 13.47 11.43 18.86
N VAL B 312 13.84 10.89 17.71
CA VAL B 312 14.55 11.62 16.68
C VAL B 312 13.61 11.84 15.52
N GLY B 313 13.51 13.10 15.09
CA GLY B 313 12.76 13.42 13.90
C GLY B 313 13.73 13.51 12.74
N LEU B 314 13.44 12.83 11.63
CA LEU B 314 14.28 12.98 10.46
C LEU B 314 13.47 13.61 9.36
N ASN B 315 14.05 14.65 8.75
CA ASN B 315 13.48 15.24 7.53
C ASN B 315 14.29 14.73 6.36
N TYR B 316 13.61 14.42 5.27
CA TYR B 316 14.28 13.87 4.10
C TYR B 316 13.60 14.34 2.82
N TYR B 317 14.42 14.74 1.84
CA TYR B 317 13.89 15.22 0.58
C TYR B 317 14.65 14.71 -0.64
N SER B 318 15.96 14.54 -0.53
CA SER B 318 16.74 14.43 -1.75
C SER B 318 18.04 13.69 -1.57
N GLY B 319 18.63 13.27 -2.69
CA GLY B 319 19.93 12.60 -2.70
C GLY B 319 20.93 13.42 -3.47
N HIS B 320 22.21 13.11 -3.31
CA HIS B 320 23.28 13.92 -3.87
C HIS B 320 24.47 13.06 -4.22
N LEU B 321 24.99 13.22 -5.43
CA LEU B 321 26.21 12.54 -5.80
C LEU B 321 27.34 13.45 -5.43
N VAL B 322 28.35 12.92 -4.72
CA VAL B 322 29.45 13.73 -4.27
C VAL B 322 30.77 13.09 -4.63
N LYS B 323 31.78 13.93 -4.75
CA LYS B 323 33.15 13.51 -5.04
C LYS B 323 34.07 14.34 -4.15
N PHE B 324 35.25 13.80 -3.87
CA PHE B 324 36.33 14.56 -3.28
C PHE B 324 36.82 15.59 -4.28
N ASP B 325 37.09 16.80 -3.81
CA ASP B 325 37.55 17.89 -4.67
C ASP B 325 38.33 18.91 -3.88
N PRO B 326 39.67 18.91 -4.04
CA PRO B 326 40.65 19.60 -3.20
C PRO B 326 40.57 21.13 -3.32
N ASP B 327 39.82 21.61 -4.31
CA ASP B 327 39.60 23.04 -4.51
C ASP B 327 38.43 23.57 -3.69
N ALA B 328 37.64 22.66 -3.12
CA ALA B 328 36.37 23.03 -2.49
C ALA B 328 36.48 23.33 -0.99
N LYS B 331 36.14 20.17 1.09
CA LYS B 331 36.83 19.40 0.03
C LYS B 331 35.89 18.42 -0.69
N VAL B 332 34.69 18.89 -0.97
CA VAL B 332 33.65 18.05 -1.52
C VAL B 332 32.87 18.87 -2.54
N SER B 333 32.51 18.27 -3.67
CA SER B 333 31.58 18.92 -4.61
C SER B 333 30.45 17.98 -4.95
N PHE B 334 29.27 18.55 -5.12
CA PHE B 334 28.13 17.82 -5.63
C PHE B 334 28.35 17.66 -7.13
N VAL B 335 27.96 16.52 -7.68
CA VAL B 335 27.97 16.34 -9.12
C VAL B 335 26.57 15.97 -9.57
N GLU B 336 26.05 16.75 -10.52
CA GLU B 336 24.65 16.63 -10.96
C GLU B 336 24.41 15.31 -11.68
N ARG B 337 23.19 14.79 -11.57
CA ARG B 337 22.82 13.54 -12.21
C ARG B 337 21.61 13.77 -13.07
N ASP B 338 21.37 12.86 -14.01
CA ASP B 338 20.09 12.79 -14.70
C ASP B 338 18.98 12.80 -13.65
N LEU B 339 18.50 11.62 -13.27
CA LEU B 339 17.40 11.47 -12.31
C LEU B 339 16.30 12.53 -12.40
N PRO B 340 15.04 12.15 -12.08
CA PRO B 340 14.02 13.18 -12.08
C PRO B 340 14.32 14.25 -11.01
N LYS B 341 13.72 15.43 -11.15
CA LYS B 341 13.99 16.54 -10.25
C LYS B 341 12.71 17.24 -9.91
N THR B 342 12.63 17.76 -8.70
CA THR B 342 11.49 18.57 -8.30
C THR B 342 11.73 20.00 -8.81
N ALA B 343 10.78 20.89 -8.56
CA ALA B 343 10.95 22.32 -8.95
C ALA B 343 12.12 23.02 -8.21
N MET B 344 12.62 22.43 -7.14
CA MET B 344 13.81 22.93 -6.44
C MET B 344 15.07 22.45 -7.15
N GLY B 345 14.93 21.44 -8.01
CA GLY B 345 16.07 20.88 -8.70
C GLY B 345 16.67 19.75 -7.91
N TRP B 346 15.94 19.30 -6.90
CA TRP B 346 16.44 18.29 -6.02
C TRP B 346 16.16 16.94 -6.63
N GLU B 347 17.21 16.13 -6.73
CA GLU B 347 17.12 14.77 -7.27
C GLU B 347 16.25 13.87 -6.41
N ILE B 348 15.39 13.10 -7.07
CA ILE B 348 14.40 12.28 -6.40
C ILE B 348 14.97 10.88 -6.24
N VAL B 349 15.43 10.56 -5.02
CA VAL B 349 16.06 9.28 -4.72
C VAL B 349 15.39 8.68 -3.49
N PRO B 350 14.21 8.05 -3.67
CA PRO B 350 13.38 7.65 -2.54
C PRO B 350 14.00 6.59 -1.63
N GLU B 351 15.00 5.86 -2.13
CA GLU B 351 15.69 4.86 -1.32
C GLU B 351 16.60 5.51 -0.28
N GLY B 352 16.76 6.84 -0.39
CA GLY B 352 17.54 7.61 0.58
C GLY B 352 16.88 7.63 1.94
N ILE B 353 15.54 7.69 1.94
CA ILE B 353 14.75 7.68 3.16
C ILE B 353 14.87 6.34 3.85
N TYR B 354 15.04 5.27 3.07
CA TYR B 354 15.29 3.95 3.62
C TYR B 354 16.68 3.95 4.25
N TRP B 355 17.68 4.36 3.48
CA TRP B 355 19.06 4.39 3.93
C TRP B 355 19.21 5.16 5.25
N ILE B 356 18.59 6.35 5.33
CA ILE B 356 18.80 7.23 6.49
C ILE B 356 18.19 6.60 7.75
N LEU B 357 17.09 5.89 7.56
CA LEU B 357 16.39 5.22 8.64
C LEU B 357 17.17 4.03 9.18
N LYS B 358 17.69 3.19 8.26
CA LYS B 358 18.55 2.08 8.66
C LYS B 358 19.73 2.65 9.41
N LYS B 359 20.41 3.61 8.77
CA LYS B 359 21.63 4.21 9.31
C LYS B 359 21.45 4.82 10.68
N VAL B 360 20.34 5.51 10.93
CA VAL B 360 20.16 6.12 12.26
C VAL B 360 20.06 5.03 13.34
N LYS B 361 19.41 3.93 12.98
CA LYS B 361 19.28 2.82 13.91
C LYS B 361 20.63 2.15 14.13
N GLU B 362 21.40 1.92 13.08
CA GLU B 362 22.75 1.34 13.25
C GLU B 362 23.70 2.19 14.09
N GLU B 363 23.66 3.51 13.88
CA GLU B 363 24.61 4.40 14.51
C GLU B 363 24.21 4.78 15.91
N TYR B 364 22.95 5.10 16.15
CA TYR B 364 22.57 5.65 17.46
C TYR B 364 21.44 4.89 18.17
N ASN B 365 20.79 3.99 17.45
CA ASN B 365 19.72 3.19 18.03
C ASN B 365 18.71 3.99 18.87
N PRO B 366 18.11 5.04 18.30
CA PRO B 366 17.11 5.81 19.06
C PRO B 366 15.83 4.99 19.31
N PRO B 367 15.18 5.20 20.46
CA PRO B 367 14.00 4.41 20.84
C PRO B 367 12.87 4.56 19.84
N GLU B 368 12.61 5.80 19.41
CA GLU B 368 11.63 6.11 18.40
C GLU B 368 12.23 7.02 17.35
N VAL B 369 11.78 6.83 16.11
CA VAL B 369 12.12 7.71 15.01
C VAL B 369 10.81 8.12 14.35
N TYR B 370 10.72 9.38 13.93
CA TYR B 370 9.62 9.87 13.08
C TYR B 370 10.19 10.49 11.84
N ILE B 371 9.47 10.38 10.73
CA ILE B 371 9.79 11.20 9.57
C ILE B 371 9.00 12.49 9.77
N THR B 372 9.68 13.59 10.05
CA THR B 372 8.99 14.83 10.46
C THR B 372 8.70 15.74 9.27
N GLU B 373 9.35 15.48 8.14
CA GLU B 373 9.08 16.17 6.87
C GLU B 373 9.49 15.30 5.72
N ASN B 374 8.61 15.21 4.72
CA ASN B 374 8.97 14.61 3.45
C ASN B 374 7.98 15.22 2.48
N GLY B 375 8.45 15.66 1.32
CA GLY B 375 7.56 16.33 0.36
C GLY B 375 8.28 16.76 -0.88
N ALA B 376 7.57 17.43 -1.79
CA ALA B 376 8.22 17.93 -3.01
C ALA B 376 7.53 19.16 -3.55
N ALA B 377 8.29 19.93 -4.31
CA ALA B 377 7.76 21.11 -4.98
C ALA B 377 7.64 20.79 -6.46
N PHE B 378 6.49 21.12 -7.01
CA PHE B 378 6.24 20.97 -8.44
C PHE B 378 5.46 22.18 -8.90
N ASP B 379 5.47 22.46 -10.20
CA ASP B 379 4.81 23.64 -10.74
C ASP B 379 3.25 23.60 -10.78
N ASP B 380 2.62 22.95 -9.80
CA ASP B 380 1.16 22.82 -9.70
C ASP B 380 0.31 23.93 -10.37
N VAL B 381 -0.66 23.49 -11.18
CA VAL B 381 -1.57 24.40 -11.87
C VAL B 381 -3.04 24.03 -11.60
N VAL B 382 -3.91 25.03 -11.47
CA VAL B 382 -5.36 24.78 -11.43
C VAL B 382 -5.81 24.44 -12.87
N SER B 383 -6.43 23.27 -13.04
CA SER B 383 -6.97 22.86 -14.36
C SER B 383 -8.31 23.54 -14.58
N GLU B 384 -8.81 23.46 -15.83
CA GLU B 384 -10.10 24.02 -16.23
C GLU B 384 -11.19 23.53 -15.30
N ASP B 385 -11.11 22.25 -14.95
CA ASP B 385 -12.05 21.62 -14.02
C ASP B 385 -11.97 22.06 -12.54
N GLY B 386 -11.10 23.02 -12.24
CA GLY B 386 -11.02 23.61 -10.89
C GLY B 386 -10.24 22.81 -9.84
N ARG B 387 -9.56 21.76 -10.29
CA ARG B 387 -8.73 20.92 -9.42
C ARG B 387 -7.25 20.97 -9.78
N VAL B 388 -6.41 20.32 -8.96
CA VAL B 388 -4.97 20.33 -9.19
C VAL B 388 -4.47 18.90 -9.29
N HIS B 389 -4.06 18.52 -10.49
CA HIS B 389 -3.65 17.14 -10.74
C HIS B 389 -2.15 17.04 -10.61
N ASP B 390 -1.68 16.46 -9.50
CA ASP B 390 -0.24 16.33 -9.27
C ASP B 390 0.17 14.88 -9.03
N GLN B 391 0.20 14.14 -10.15
CA GLN B 391 0.62 12.76 -10.14
C GLN B 391 2.08 12.72 -9.72
N ASN B 392 2.83 13.74 -10.16
CA ASN B 392 4.25 13.84 -9.88
C ASN B 392 4.49 13.88 -8.37
N ARG B 393 3.66 14.61 -7.64
CA ARG B 393 3.72 14.63 -6.16
C ARG B 393 3.25 13.30 -5.55
N ILE B 394 2.22 12.70 -6.16
CA ILE B 394 1.73 11.40 -5.70
C ILE B 394 2.83 10.35 -5.84
N ASP B 395 3.45 10.31 -7.02
CA ASP B 395 4.53 9.38 -7.30
C ASP B 395 5.67 9.58 -6.29
N TYR B 396 5.98 10.84 -6.00
CA TYR B 396 7.03 11.16 -5.03
C TYR B 396 6.74 10.55 -3.66
N LEU B 397 5.62 10.96 -3.06
CA LEU B 397 5.29 10.51 -1.72
C LEU B 397 5.22 8.99 -1.68
N LYS B 398 4.47 8.42 -2.62
CA LYS B 398 4.33 6.96 -2.78
C LYS B 398 5.64 6.22 -2.63
N ALA B 399 6.62 6.60 -3.44
CA ALA B 399 7.92 5.94 -3.44
C ALA B 399 8.61 6.03 -2.07
N HIS B 400 8.52 7.20 -1.44
CA HIS B 400 9.18 7.43 -0.16
C HIS B 400 8.51 6.69 0.97
N ILE B 401 7.19 6.79 1.05
CA ILE B 401 6.39 6.02 2.02
C ILE B 401 6.62 4.50 1.83
N GLY B 402 6.76 4.07 0.58
CA GLY B 402 7.09 2.67 0.30
C GLY B 402 8.46 2.30 0.85
N GLN B 403 9.39 3.24 0.73
CA GLN B 403 10.75 3.03 1.19
C GLN B 403 10.87 3.07 2.70
N ALA B 404 9.95 3.78 3.33
CA ALA B 404 9.88 3.90 4.78
C ALA B 404 9.27 2.65 5.42
N TRP B 405 8.26 2.11 4.74
CA TRP B 405 7.64 0.83 5.08
C TRP B 405 8.73 -0.25 5.16
N LYS B 406 9.59 -0.29 4.14
CA LYS B 406 10.70 -1.21 4.08
C LYS B 406 11.61 -1.08 5.31
N ALA B 407 11.89 0.16 5.74
CA ALA B 407 12.75 0.38 6.88
C ALA B 407 12.15 -0.27 8.13
N ILE B 408 10.85 -0.07 8.34
CA ILE B 408 10.13 -0.70 9.44
C ILE B 408 10.26 -2.23 9.42
N GLN B 409 9.97 -2.84 8.27
CA GLN B 409 10.04 -4.32 8.16
C GLN B 409 11.42 -4.81 8.56
N GLU B 410 12.42 -3.94 8.51
CA GLU B 410 13.76 -4.34 8.96
C GLU B 410 14.08 -3.88 10.39
N GLY B 411 13.05 -3.57 11.17
CA GLY B 411 13.20 -3.24 12.57
C GLY B 411 13.51 -1.79 12.96
N VAL B 412 13.39 -0.85 12.02
CA VAL B 412 13.55 0.57 12.38
C VAL B 412 12.30 1.01 13.14
N PRO B 413 12.46 1.55 14.37
CA PRO B 413 11.28 1.93 15.15
C PRO B 413 10.59 3.21 14.67
N LEU B 414 10.26 3.26 13.38
CA LEU B 414 9.57 4.39 12.78
C LEU B 414 8.13 4.47 13.27
N LYS B 415 7.79 5.55 13.98
CA LYS B 415 6.46 5.70 14.61
C LYS B 415 5.47 6.63 13.89
N GLY B 416 5.93 7.34 12.87
CA GLY B 416 5.06 8.33 12.27
C GLY B 416 5.68 8.94 11.04
N TYR B 417 4.86 9.64 10.27
CA TYR B 417 5.27 10.16 8.99
C TYR B 417 4.47 11.42 8.72
N PHE B 418 5.19 12.51 8.40
CA PHE B 418 4.56 13.82 8.15
C PHE B 418 4.94 14.34 6.79
N VAL B 419 3.92 14.69 5.99
CA VAL B 419 4.13 15.33 4.69
C VAL B 419 4.44 16.81 4.90
N TRP B 420 5.51 17.28 4.25
CA TRP B 420 5.72 18.70 4.03
C TRP B 420 5.21 19.01 2.64
N SER B 421 4.15 19.81 2.54
CA SER B 421 3.47 20.46 3.65
C SER B 421 1.96 20.27 3.41
N LEU B 422 1.13 20.60 4.41
CA LEU B 422 -0.31 20.77 4.22
C LEU B 422 -0.63 21.82 3.14
N LEU B 423 0.03 22.99 3.23
CA LEU B 423 -0.27 24.10 2.35
C LEU B 423 0.94 24.50 1.51
N ASP B 424 0.69 24.95 0.28
CA ASP B 424 1.69 25.81 -0.40
C ASP B 424 2.00 26.97 0.54
N ASN B 425 3.24 27.46 0.56
CA ASN B 425 3.53 28.49 1.55
C ASN B 425 4.77 29.32 1.19
N PHE B 426 5.18 30.20 2.11
CA PHE B 426 6.41 30.99 1.95
C PHE B 426 7.64 30.07 2.05
N GLU B 427 8.25 29.76 0.91
CA GLU B 427 9.41 28.86 0.87
C GLU B 427 10.76 29.58 1.08
N TRP B 428 10.84 30.31 2.18
CA TRP B 428 12.09 30.91 2.61
C TRP B 428 12.70 31.79 1.50
N ALA B 429 13.98 31.60 1.18
CA ALA B 429 14.62 32.47 0.17
C ALA B 429 13.96 32.33 -1.21
N GLU B 430 13.18 31.28 -1.40
CA GLU B 430 12.49 31.05 -2.69
C GLU B 430 11.18 31.82 -2.79
N GLY B 431 10.73 32.35 -1.66
CA GLY B 431 9.43 32.96 -1.54
C GLY B 431 8.31 31.99 -1.90
N TYR B 432 7.24 32.56 -2.45
CA TYR B 432 6.01 31.85 -2.82
C TYR B 432 6.12 31.08 -4.11
N SER B 433 7.29 31.19 -4.76
CA SER B 433 7.50 30.58 -6.07
C SER B 433 7.58 29.05 -6.05
N LYS B 434 7.54 28.46 -4.85
CA LYS B 434 7.71 27.02 -4.74
C LYS B 434 6.59 26.45 -3.90
N ARG B 435 5.96 25.40 -4.45
CA ARG B 435 4.72 24.84 -3.89
C ARG B 435 4.94 23.42 -3.38
N PHE B 436 4.86 23.24 -2.06
CA PHE B 436 5.15 21.96 -1.40
C PHE B 436 3.89 21.32 -0.85
N GLY B 437 2.81 22.08 -0.83
CA GLY B 437 1.57 21.62 -0.21
C GLY B 437 0.86 20.49 -0.95
N ILE B 438 -0.02 19.81 -0.21
CA ILE B 438 -1.03 18.89 -0.74
C ILE B 438 -2.37 19.64 -0.82
N VAL B 439 -2.36 20.88 -0.30
CA VAL B 439 -3.43 21.87 -0.50
C VAL B 439 -2.88 23.11 -1.24
N TYR B 440 -3.55 23.50 -2.33
CA TYR B 440 -3.13 24.64 -3.15
C TYR B 440 -3.66 25.94 -2.57
N VAL B 441 -2.81 26.96 -2.53
CA VAL B 441 -3.27 28.26 -2.01
C VAL B 441 -3.21 29.25 -3.14
N ASP B 442 -4.37 29.84 -3.42
CA ASP B 442 -4.46 30.92 -4.37
C ASP B 442 -4.21 32.16 -3.55
N TYR B 443 -3.00 32.72 -3.71
CA TYR B 443 -2.54 33.88 -2.94
C TYR B 443 -3.29 35.16 -3.30
N SER B 444 -3.82 35.23 -4.51
CA SER B 444 -4.73 36.32 -4.87
C SER B 444 -6.05 36.27 -4.06
N THR B 445 -6.54 35.06 -3.74
CA THR B 445 -7.80 34.92 -2.98
C THR B 445 -7.73 34.20 -1.61
N GLN B 446 -6.59 33.58 -1.31
CA GLN B 446 -6.42 32.71 -0.12
C GLN B 446 -7.25 31.43 -0.19
N LYS B 447 -7.54 31.01 -1.41
CA LYS B 447 -8.44 29.90 -1.60
C LYS B 447 -7.68 28.59 -1.51
N ARG B 448 -8.20 27.72 -0.66
CA ARG B 448 -7.68 26.40 -0.48
C ARG B 448 -8.28 25.51 -1.57
N ILE B 449 -7.43 24.72 -2.20
CA ILE B 449 -7.82 23.75 -3.23
C ILE B 449 -7.00 22.44 -3.03
N VAL B 450 -7.64 21.45 -2.40
CA VAL B 450 -6.98 20.17 -2.15
C VAL B 450 -6.47 19.66 -3.47
N LYS B 451 -5.20 19.27 -3.49
CA LYS B 451 -4.63 18.76 -4.73
C LYS B 451 -5.00 17.31 -4.78
N ASP B 452 -4.71 16.66 -5.89
CA ASP B 452 -4.99 15.24 -5.94
C ASP B 452 -4.25 14.57 -4.80
N SER B 453 -2.94 14.82 -4.71
CA SER B 453 -2.07 14.20 -3.67
C SER B 453 -2.68 14.31 -2.28
N GLY B 454 -3.41 15.40 -2.04
CA GLY B 454 -4.20 15.53 -0.83
C GLY B 454 -5.22 14.40 -0.67
N TYR B 455 -5.93 14.05 -1.75
CA TYR B 455 -6.93 12.98 -1.65
C TYR B 455 -6.23 11.62 -1.59
N TRP B 456 -5.14 11.50 -2.33
CA TRP B 456 -4.36 10.26 -2.34
C TRP B 456 -3.77 9.96 -0.95
N TYR B 457 -3.41 11.01 -0.21
CA TYR B 457 -2.83 10.86 1.12
C TYR B 457 -3.94 10.61 2.14
N SER B 458 -5.12 11.14 1.84
CA SER B 458 -6.31 10.86 2.61
C SER B 458 -6.51 9.34 2.69
N ASN B 459 -6.31 8.66 1.56
CA ASN B 459 -6.46 7.20 1.46
C ASN B 459 -5.43 6.43 2.25
N VAL B 460 -4.15 6.69 1.96
CA VAL B 460 -3.01 6.14 2.70
C VAL B 460 -3.35 6.10 4.19
N VAL B 461 -3.88 7.19 4.70
CA VAL B 461 -4.17 7.33 6.12
C VAL B 461 -5.29 6.40 6.58
N LYS B 462 -6.36 6.33 5.77
CA LYS B 462 -7.51 5.48 6.07
C LYS B 462 -7.10 4.02 5.94
N ASN B 463 -6.27 3.74 4.94
CA ASN B 463 -5.76 2.41 4.67
C ASN B 463 -4.58 2.02 5.56
N ASN B 464 -4.24 2.89 6.53
CA ASN B 464 -2.96 2.80 7.27
C ASN B 464 -1.80 2.27 6.42
N GLY B 465 -1.68 2.79 5.21
CA GLY B 465 -0.62 2.37 4.32
C GLY B 465 -1.01 2.47 2.86
N LEU B 466 -0.20 1.83 2.02
CA LEU B 466 -0.35 1.86 0.57
C LEU B 466 -1.32 0.76 0.08
N GLU B 467 -1.65 0.81 -1.21
CA GLU B 467 -2.78 0.04 -1.81
C GLU B 467 -3.82 -0.50 -0.82
#